data_6EZ9
#
_entry.id   6EZ9
#
_cell.length_a   101.742
_cell.length_b   130.449
_cell.length_c   159.796
_cell.angle_alpha   90.00
_cell.angle_beta   90.00
_cell.angle_gamma   90.00
#
_symmetry.space_group_name_H-M   'I 2 2 2'
#
loop_
_entity.id
_entity.type
_entity.pdbx_description
1 polymer 'Glutamate carboxypeptidase 2'
2 branched 2-acetamido-2-deoxy-beta-D-glucopyranose-(1-4)-2-acetamido-2-deoxy-beta-D-glucopyranose
3 branched beta-D-mannopyranose-(1-4)-2-acetamido-2-deoxy-beta-D-glucopyranose-(1-4)-2-acetamido-2-deoxy-beta-D-glucopyranose
4 branched alpha-D-mannopyranose-(1-3)-[alpha-D-mannopyranose-(1-6)]beta-D-mannopyranose-(1-4)-2-acetamido-2-deoxy-beta-D-glucopyranose-(1-4)-2-acetamido-2-deoxy-beta-D-glucopyranose
5 non-polymer 2-acetamido-2-deoxy-beta-D-glucopyranose
6 non-polymer 'ZINC ION'
7 non-polymer 'CALCIUM ION'
8 non-polymer 'CHLORIDE ION'
9 non-polymer '(2~{S})-2-[[(2~{S})-4-methyl-1-oxidanyl-1-oxidanylidene-pentan-2-yl]oxycarbonylamino]pentanedioic acid'
10 water water
#
_entity_poly.entity_id   1
_entity_poly.type   'polypeptide(L)'
_entity_poly.pdbx_seq_one_letter_code
;KSSNEATNITPKHNMKAFLDELKAENIKKFLYNFTQIPHLAGTEQNFQLAKQIQSQWKEFGLDSVELAHYDVLLSYPNKT
HPNYISIINEDGNEIFNTSLFEPPPPGYENVSDIVPPFSAFSPQGMPEGDLVYVNYARTEDFFKLERDMKINCSGKIVIA
RYGKVFRGNKVKNAQLAGAKGVILYSDPADYFAPGVKSYPDGWNLPGGGVQRGNILNLNGAGDPLTPGYPANEYAYRRGI
AEAVGLPSIPVHPIGYYDAQKLLEKMGGSAPPDSSWRGSLKVPYNVGPGFTGNFSTQKVKMHIHSTNEVTRIYNVIGTLR
GAVEPDRYVILGGHRDSWVFGGIDPQSGAAVVHEIVRSFGTLKKEGWRPRRTILFASWDAMEFGLLGSTEWAEENSRLLQ
ERGVAYINADSSIEGNYTLRVDCTPLMYSLVHNLTKELKSPDEGFEGKSLYESWTKKSPSPEFSGMPRISKLGSGNDFEV
FFQRLGIASGRARYTKNWETNKFSGYPLYHSVYETYELVEKFYDPMFKYHLTVAQVRGGMVFELANSIVLPFDCRDYAVV
LRKYADKIYSISMKHPQEMKTYSVSFDSLFSAVKNFTEIASKFSERLQDFDKSNPIVLRMMNDQLMFLERAFIDPLGLPD
RPFYRHVIYAPSSHNKYAGESFPGIYDALFDIESKVDPSKAWGEVKRQIYVAAFTVQAAAETLSEVA
;
_entity_poly.pdbx_strand_id   A
#
loop_
_chem_comp.id
_chem_comp.type
_chem_comp.name
_chem_comp.formula
BMA D-saccharide, beta linking beta-D-mannopyranose 'C6 H12 O6'
C68 non-polymer '(2~{S})-2-[[(2~{S})-4-methyl-1-oxidanyl-1-oxidanylidene-pentan-2-yl]oxycarbonylamino]pentanedioic acid' 'C12 H19 N O8'
CA non-polymer 'CALCIUM ION' 'Ca 2'
CL non-polymer 'CHLORIDE ION' 'Cl -1'
MAN D-saccharide, alpha linking alpha-D-mannopyranose 'C6 H12 O6'
NAG D-saccharide, beta linking 2-acetamido-2-deoxy-beta-D-glucopyranose 'C8 H15 N O6'
ZN non-polymer 'ZINC ION' 'Zn 2'
#
# COMPACT_ATOMS: atom_id res chain seq x y z
N LYS A 12 3.74 -9.01 -36.67
CA LYS A 12 4.71 -9.68 -35.77
C LYS A 12 4.27 -9.64 -34.28
N HIS A 13 4.99 -10.39 -33.43
CA HIS A 13 4.74 -10.47 -32.00
C HIS A 13 5.69 -9.57 -31.22
N ASN A 14 5.32 -8.31 -31.08
CA ASN A 14 6.12 -7.32 -30.38
C ASN A 14 5.22 -6.64 -29.36
N MET A 15 5.72 -5.58 -28.71
CA MET A 15 4.92 -4.96 -27.65
C MET A 15 3.64 -4.33 -28.24
N LYS A 16 3.74 -3.72 -29.41
CA LYS A 16 2.59 -3.14 -30.07
C LYS A 16 1.45 -4.16 -30.27
N ALA A 17 1.77 -5.41 -30.64
CA ALA A 17 0.76 -6.45 -30.81
C ALA A 17 0.06 -6.75 -29.49
N PHE A 18 0.88 -6.84 -28.44
CA PHE A 18 0.35 -7.03 -27.09
C PHE A 18 -0.61 -5.88 -26.71
N LEU A 19 -0.13 -4.66 -26.85
CA LEU A 19 -0.89 -3.48 -26.43
C LEU A 19 -2.18 -3.32 -27.22
N ASP A 20 -2.13 -3.59 -28.53
CA ASP A 20 -3.33 -3.44 -29.40
C ASP A 20 -4.44 -4.44 -29.09
N GLU A 21 -4.07 -5.59 -28.57
CA GLU A 21 -5.02 -6.62 -28.23
C GLU A 21 -5.87 -6.28 -26.99
N LEU A 22 -5.32 -5.46 -26.07
CA LEU A 22 -6.09 -4.95 -24.88
C LEU A 22 -7.33 -4.12 -25.30
N LYS A 23 -8.49 -4.40 -24.68
CA LYS A 23 -9.75 -3.76 -25.05
C LYS A 23 -10.46 -3.21 -23.84
N ALA A 24 -10.84 -1.94 -23.90
CA ALA A 24 -11.64 -1.28 -22.87
C ALA A 24 -12.93 -2.05 -22.59
N GLU A 25 -13.58 -2.56 -23.64
CA GLU A 25 -14.86 -3.25 -23.49
C GLU A 25 -14.73 -4.55 -22.70
N ASN A 26 -13.58 -5.24 -22.86
CA ASN A 26 -13.29 -6.45 -22.07
C ASN A 26 -13.07 -6.12 -20.61
N ILE A 27 -12.32 -5.06 -20.34
CA ILE A 27 -12.09 -4.63 -18.94
C ILE A 27 -13.45 -4.32 -18.27
N LYS A 28 -14.34 -3.62 -19.00
CA LYS A 28 -15.67 -3.29 -18.49
C LYS A 28 -16.49 -4.54 -18.16
N LYS A 29 -16.53 -5.50 -19.08
CA LYS A 29 -17.22 -6.78 -18.85
C LYS A 29 -16.66 -7.53 -17.64
N PHE A 30 -15.33 -7.53 -17.53
CA PHE A 30 -14.73 -8.23 -16.38
C PHE A 30 -15.06 -7.52 -15.06
N LEU A 31 -15.03 -6.19 -15.06
CA LEU A 31 -15.32 -5.45 -13.87
C LEU A 31 -16.77 -5.73 -13.42
N TYR A 32 -17.73 -5.69 -14.36
CA TYR A 32 -19.10 -6.04 -14.05
C TYR A 32 -19.18 -7.45 -13.43
N ASN A 33 -18.46 -8.39 -14.04
CA ASN A 33 -18.48 -9.78 -13.60
C ASN A 33 -17.93 -9.99 -12.19
N PHE A 34 -16.97 -9.15 -11.80
CA PHE A 34 -16.30 -9.31 -10.51
C PHE A 34 -16.94 -8.56 -9.36
N THR A 35 -18.02 -7.76 -9.63
CA THR A 35 -18.50 -6.84 -8.60
C THR A 35 -20.01 -6.97 -8.25
N GLN A 36 -20.62 -8.09 -8.64
CA GLN A 36 -22.08 -8.29 -8.40
C GLN A 36 -22.41 -8.74 -6.99
N ILE A 37 -21.46 -9.46 -6.35
CA ILE A 37 -21.63 -9.93 -4.96
C ILE A 37 -20.35 -9.61 -4.18
N PRO A 38 -20.44 -9.56 -2.84
CA PRO A 38 -19.22 -9.31 -2.05
C PRO A 38 -18.23 -10.48 -2.19
N HIS A 39 -16.92 -10.18 -2.14
CA HIS A 39 -15.86 -11.21 -2.15
C HIS A 39 -14.92 -11.00 -0.96
N LEU A 40 -15.49 -11.00 0.23
CA LEU A 40 -14.73 -10.87 1.49
C LEU A 40 -13.77 -12.06 1.65
N ALA A 41 -12.53 -11.77 2.07
CA ALA A 41 -11.54 -12.87 2.26
C ALA A 41 -12.08 -13.89 3.25
N GLY A 42 -11.84 -15.15 2.92
CA GLY A 42 -12.20 -16.29 3.78
C GLY A 42 -13.62 -16.75 3.59
N THR A 43 -14.38 -16.07 2.73
CA THR A 43 -15.78 -16.49 2.48
C THR A 43 -15.92 -17.38 1.25
N GLU A 44 -17.03 -18.13 1.20
CA GLU A 44 -17.27 -19.04 0.08
C GLU A 44 -17.28 -18.33 -1.28
N GLN A 45 -17.87 -17.14 -1.34
N GLN A 45 -17.89 -17.14 -1.31
CA GLN A 45 -17.96 -16.41 -2.57
CA GLN A 45 -17.99 -16.28 -2.49
C GLN A 45 -16.59 -15.99 -3.12
C GLN A 45 -16.62 -15.98 -3.10
N ASN A 46 -15.65 -15.69 -2.23
CA ASN A 46 -14.29 -15.39 -2.71
C ASN A 46 -13.52 -16.64 -3.17
N PHE A 47 -13.80 -17.83 -2.59
CA PHE A 47 -13.23 -19.10 -3.06
C PHE A 47 -13.83 -19.41 -4.43
N GLN A 48 -15.14 -19.16 -4.58
CA GLN A 48 -15.73 -19.39 -5.90
C GLN A 48 -15.13 -18.52 -7.00
N LEU A 49 -14.87 -17.25 -6.68
CA LEU A 49 -14.23 -16.34 -7.64
C LEU A 49 -12.79 -16.80 -7.95
N ALA A 50 -12.04 -17.22 -6.92
CA ALA A 50 -10.73 -17.79 -7.16
C ALA A 50 -10.78 -18.94 -8.18
N LYS A 51 -11.73 -19.83 -8.01
CA LYS A 51 -11.87 -20.98 -8.92
C LYS A 51 -12.24 -20.53 -10.35
N GLN A 52 -13.08 -19.49 -10.44
CA GLN A 52 -13.44 -18.94 -11.74
C GLN A 52 -12.21 -18.35 -12.46
N ILE A 53 -11.42 -17.55 -11.74
N ILE A 53 -11.44 -17.53 -11.71
CA ILE A 53 -10.24 -16.95 -12.33
CA ILE A 53 -10.21 -16.93 -12.22
C ILE A 53 -9.20 -18.01 -12.71
C ILE A 53 -9.24 -18.02 -12.70
N GLN A 54 -9.05 -19.04 -11.87
CA GLN A 54 -8.18 -20.16 -12.22
C GLN A 54 -8.60 -20.79 -13.58
N SER A 55 -9.90 -21.08 -13.68
N SER A 55 -9.89 -21.08 -13.71
CA SER A 55 -10.46 -21.64 -14.91
CA SER A 55 -10.42 -21.66 -14.94
C SER A 55 -10.22 -20.76 -16.13
C SER A 55 -10.24 -20.76 -16.17
N GLN A 56 -10.52 -19.46 -16.01
CA GLN A 56 -10.37 -18.52 -17.10
C GLN A 56 -8.93 -18.28 -17.51
N TRP A 57 -8.01 -18.16 -16.55
CA TRP A 57 -6.60 -18.04 -16.91
C TRP A 57 -6.08 -19.27 -17.66
N LYS A 58 -6.58 -20.46 -17.32
CA LYS A 58 -6.22 -21.68 -18.08
C LYS A 58 -6.76 -21.57 -19.53
N GLU A 59 -8.02 -21.19 -19.67
CA GLU A 59 -8.67 -21.02 -20.98
C GLU A 59 -7.96 -19.94 -21.80
N PHE A 60 -7.51 -18.86 -21.14
CA PHE A 60 -6.76 -17.77 -21.79
C PHE A 60 -5.42 -18.22 -22.38
N GLY A 61 -4.87 -19.33 -21.88
CA GLY A 61 -3.68 -19.98 -22.42
C GLY A 61 -2.44 -20.09 -21.54
N LEU A 62 -2.55 -19.78 -20.24
CA LEU A 62 -1.36 -19.92 -19.38
C LEU A 62 -0.92 -21.38 -19.28
N ASP A 63 0.36 -21.60 -19.04
CA ASP A 63 0.90 -22.96 -19.00
C ASP A 63 0.45 -23.75 -17.77
N SER A 64 0.40 -23.11 -16.60
CA SER A 64 -0.21 -23.72 -15.43
C SER A 64 -0.90 -22.64 -14.62
N VAL A 65 -1.93 -23.05 -13.89
CA VAL A 65 -2.64 -22.13 -13.03
C VAL A 65 -3.06 -22.93 -11.80
N GLU A 66 -2.53 -22.52 -10.63
CA GLU A 66 -2.76 -23.29 -9.41
C GLU A 66 -3.31 -22.40 -8.32
N LEU A 67 -4.03 -22.99 -7.38
CA LEU A 67 -4.36 -22.25 -6.17
C LEU A 67 -3.32 -22.56 -5.10
N ALA A 68 -2.87 -21.53 -4.40
CA ALA A 68 -1.94 -21.70 -3.24
C ALA A 68 -2.77 -21.26 -2.06
N HIS A 69 -3.05 -22.16 -1.13
CA HIS A 69 -3.88 -21.81 0.01
C HIS A 69 -3.04 -21.80 1.29
N TYR A 70 -3.53 -21.02 2.28
CA TYR A 70 -2.90 -20.84 3.59
C TYR A 70 -4.04 -20.69 4.58
N ASP A 71 -3.73 -20.94 5.84
CA ASP A 71 -4.72 -20.79 6.92
C ASP A 71 -4.23 -19.73 7.84
N VAL A 72 -4.84 -18.53 7.74
CA VAL A 72 -4.31 -17.32 8.40
C VAL A 72 -5.35 -16.73 9.36
N LEU A 73 -4.88 -15.88 10.28
CA LEU A 73 -5.80 -15.19 11.22
C LEU A 73 -6.57 -14.08 10.50
N LEU A 74 -7.91 -14.23 10.47
CA LEU A 74 -8.82 -13.16 9.93
C LEU A 74 -9.71 -12.71 11.08
N SER A 75 -10.61 -11.75 10.82
CA SER A 75 -11.43 -11.13 11.86
C SER A 75 -12.78 -10.80 11.25
N TYR A 76 -13.86 -11.10 11.97
CA TYR A 76 -15.21 -10.84 11.46
C TYR A 76 -16.12 -10.40 12.60
N PRO A 77 -17.10 -9.54 12.27
CA PRO A 77 -18.11 -9.24 13.31
C PRO A 77 -18.92 -10.47 13.67
N ASN A 78 -19.52 -10.44 14.86
CA ASN A 78 -20.44 -11.50 15.26
C ASN A 78 -21.83 -11.15 14.70
N LYS A 79 -22.36 -12.01 13.82
CA LYS A 79 -23.64 -11.79 13.11
C LYS A 79 -24.85 -11.66 14.05
N THR A 80 -24.79 -12.32 15.19
CA THR A 80 -25.92 -12.24 16.15
C THR A 80 -25.63 -11.36 17.39
N HIS A 81 -24.56 -10.57 17.33
CA HIS A 81 -24.15 -9.72 18.44
C HIS A 81 -23.43 -8.49 17.87
N PRO A 82 -24.18 -7.55 17.32
CA PRO A 82 -23.66 -6.46 16.47
C PRO A 82 -22.80 -5.45 17.21
N ASN A 83 -21.81 -4.91 16.50
CA ASN A 83 -20.98 -3.84 17.04
C ASN A 83 -21.69 -2.50 16.95
N TYR A 84 -21.59 -1.68 18.00
CA TYR A 84 -22.14 -0.31 17.93
C TYR A 84 -21.58 0.53 19.05
N ILE A 85 -21.79 1.86 18.95
CA ILE A 85 -21.35 2.79 19.98
C ILE A 85 -22.60 3.52 20.49
N SER A 86 -22.59 3.83 21.78
CA SER A 86 -23.67 4.62 22.44
C SER A 86 -23.18 5.83 23.15
N ILE A 87 -24.11 6.79 23.34
CA ILE A 87 -23.98 7.77 24.41
C ILE A 87 -24.95 7.22 25.47
N ILE A 88 -24.42 7.03 26.67
CA ILE A 88 -25.21 6.55 27.82
C ILE A 88 -25.37 7.69 28.83
N ASN A 89 -26.54 7.79 29.45
CA ASN A 89 -26.72 8.78 30.52
C ASN A 89 -26.29 8.19 31.88
N GLU A 90 -26.32 9.02 32.93
CA GLU A 90 -25.90 8.61 34.30
C GLU A 90 -26.61 7.36 34.89
N ASP A 91 -27.82 7.09 34.41
CA ASP A 91 -28.59 5.89 34.76
C ASP A 91 -28.12 4.63 34.02
N GLY A 92 -27.44 4.84 32.90
CA GLY A 92 -26.98 3.74 32.07
C GLY A 92 -27.95 3.39 30.97
N ASN A 93 -28.83 4.34 30.61
CA ASN A 93 -29.71 4.18 29.45
C ASN A 93 -28.96 4.67 28.21
N GLU A 94 -29.08 3.93 27.12
CA GLU A 94 -28.39 4.26 25.87
C GLU A 94 -29.30 5.15 25.05
N ILE A 95 -28.99 6.44 25.07
CA ILE A 95 -29.85 7.47 24.49
C ILE A 95 -29.58 7.78 23.02
N PHE A 96 -28.47 7.25 22.52
CA PHE A 96 -28.13 7.37 21.12
C PHE A 96 -27.29 6.15 20.78
N ASN A 97 -27.60 5.51 19.66
CA ASN A 97 -26.79 4.39 19.13
C ASN A 97 -26.34 4.67 17.73
N THR A 98 -25.09 4.34 17.42
CA THR A 98 -24.65 4.45 16.03
C THR A 98 -25.32 3.33 15.19
N SER A 99 -25.26 3.47 13.86
N SER A 99 -25.30 3.48 13.85
CA SER A 99 -25.89 2.51 12.94
CA SER A 99 -25.99 2.55 12.94
C SER A 99 -25.36 1.08 13.09
C SER A 99 -25.36 1.15 12.89
N LEU A 100 -26.20 0.13 12.77
CA LEU A 100 -25.75 -1.26 12.66
C LEU A 100 -25.28 -1.67 11.25
N PHE A 101 -25.55 -0.84 10.24
CA PHE A 101 -25.15 -1.14 8.85
C PHE A 101 -25.24 0.14 8.00
N GLU A 102 -24.54 0.18 6.86
CA GLU A 102 -24.71 1.29 5.90
C GLU A 102 -26.00 1.09 5.11
N PRO A 103 -26.81 2.15 4.90
CA PRO A 103 -27.94 1.97 3.99
C PRO A 103 -27.51 1.41 2.61
N PRO A 104 -28.04 0.25 2.18
CA PRO A 104 -27.46 -0.28 0.94
C PRO A 104 -27.83 0.52 -0.30
N PRO A 105 -26.94 0.54 -1.31
CA PRO A 105 -27.25 1.35 -2.50
C PRO A 105 -28.42 0.79 -3.34
N PRO A 106 -28.99 1.61 -4.24
CA PRO A 106 -30.15 1.19 -5.03
C PRO A 106 -29.97 -0.12 -5.80
N GLY A 107 -30.91 -1.05 -5.60
CA GLY A 107 -30.88 -2.31 -6.31
C GLY A 107 -30.02 -3.37 -5.65
N TYR A 108 -29.41 -3.04 -4.52
CA TYR A 108 -28.57 -3.96 -3.71
C TYR A 108 -29.13 -4.10 -2.31
N GLU A 109 -30.31 -3.55 -2.09
CA GLU A 109 -30.91 -3.57 -0.76
C GLU A 109 -31.27 -5.00 -0.34
N ASN A 110 -31.24 -5.95 -1.29
CA ASN A 110 -31.50 -7.39 -1.03
C ASN A 110 -30.29 -8.33 -1.17
N VAL A 111 -29.12 -7.74 -1.42
CA VAL A 111 -27.88 -8.52 -1.48
C VAL A 111 -27.52 -9.05 -0.07
N SER A 112 -27.26 -10.34 0.01
N SER A 112 -27.25 -10.34 0.00
CA SER A 112 -26.88 -10.98 1.25
CA SER A 112 -26.86 -11.04 1.21
C SER A 112 -25.37 -10.87 1.50
C SER A 112 -25.37 -10.84 1.49
N ASP A 113 -24.99 -11.01 2.76
CA ASP A 113 -23.58 -11.10 3.19
C ASP A 113 -22.79 -9.82 2.95
N ILE A 114 -23.42 -8.65 3.08
CA ILE A 114 -22.63 -7.43 3.17
C ILE A 114 -22.11 -7.31 4.60
N VAL A 115 -20.78 -7.42 4.78
CA VAL A 115 -20.21 -7.29 6.11
C VAL A 115 -20.48 -5.87 6.64
N PRO A 116 -21.06 -5.75 7.87
CA PRO A 116 -21.27 -4.40 8.39
C PRO A 116 -19.93 -3.69 8.69
N PRO A 117 -19.91 -2.35 8.70
CA PRO A 117 -18.68 -1.63 9.05
C PRO A 117 -18.09 -2.10 10.38
N PHE A 118 -16.79 -2.40 10.36
CA PHE A 118 -16.04 -2.77 11.55
C PHE A 118 -14.56 -2.50 11.28
N SER A 119 -13.79 -2.47 12.38
CA SER A 119 -12.33 -2.39 12.26
C SER A 119 -11.74 -3.81 12.44
N ALA A 120 -11.20 -4.39 11.37
CA ALA A 120 -10.70 -5.79 11.47
C ALA A 120 -9.53 -5.85 12.45
N PHE A 121 -9.63 -6.88 13.30
CA PHE A 121 -8.69 -7.26 14.37
C PHE A 121 -8.88 -6.51 15.69
N SER A 122 -9.91 -5.66 15.77
CA SER A 122 -10.23 -5.05 17.09
C SER A 122 -10.44 -6.18 18.12
N PRO A 123 -9.90 -5.99 19.35
CA PRO A 123 -10.32 -6.92 20.41
C PRO A 123 -11.75 -6.62 20.84
N GLN A 124 -12.29 -7.53 21.64
CA GLN A 124 -13.64 -7.37 22.15
C GLN A 124 -13.57 -6.46 23.36
N GLY A 125 -14.66 -5.77 23.63
CA GLY A 125 -14.74 -5.01 24.90
C GLY A 125 -15.94 -4.10 24.90
N MET A 126 -16.25 -3.57 26.09
CA MET A 126 -17.33 -2.61 26.23
C MET A 126 -16.90 -1.41 27.07
N PRO A 127 -15.78 -0.76 26.70
CA PRO A 127 -15.26 0.39 27.46
C PRO A 127 -16.22 1.57 27.42
N GLU A 128 -16.30 2.26 28.55
CA GLU A 128 -17.20 3.38 28.71
C GLU A 128 -16.39 4.52 29.29
N GLY A 129 -16.49 5.72 28.74
CA GLY A 129 -15.73 6.83 29.28
C GLY A 129 -15.93 8.14 28.56
N ASP A 130 -15.02 9.08 28.81
CA ASP A 130 -15.10 10.40 28.23
C ASP A 130 -14.29 10.51 26.94
N LEU A 131 -14.81 11.30 26.01
N LEU A 131 -14.86 11.21 25.96
CA LEU A 131 -14.27 11.46 24.68
CA LEU A 131 -14.19 11.40 24.69
C LEU A 131 -13.19 12.55 24.54
C LEU A 131 -13.09 12.44 24.73
N VAL A 132 -12.07 12.20 23.90
CA VAL A 132 -11.06 13.20 23.55
C VAL A 132 -10.96 13.20 22.02
N TYR A 133 -11.06 14.37 21.42
CA TYR A 133 -10.90 14.47 19.96
C TYR A 133 -9.44 14.75 19.61
N VAL A 134 -8.87 13.90 18.74
CA VAL A 134 -7.42 13.88 18.51
C VAL A 134 -7.04 14.22 17.06
N ASN A 135 -7.95 14.91 16.35
CA ASN A 135 -7.73 15.27 14.94
C ASN A 135 -7.51 14.00 14.12
N TYR A 136 -6.38 13.89 13.37
CA TYR A 136 -6.15 12.71 12.57
C TYR A 136 -5.39 11.64 13.35
N ALA A 137 -5.17 11.85 14.65
CA ALA A 137 -4.46 10.89 15.52
C ALA A 137 -3.04 10.62 14.97
N ARG A 138 -2.45 11.61 14.31
CA ARG A 138 -1.03 11.52 13.91
C ARG A 138 -0.09 11.72 15.08
N THR A 139 1.18 11.32 14.89
CA THR A 139 2.20 11.51 15.92
C THR A 139 2.23 13.00 16.36
N GLU A 140 2.17 13.91 15.39
CA GLU A 140 2.21 15.34 15.71
C GLU A 140 0.91 15.83 16.36
N ASP A 141 -0.20 15.11 16.13
CA ASP A 141 -1.48 15.50 16.80
C ASP A 141 -1.40 15.18 18.28
N PHE A 142 -0.85 13.99 18.60
CA PHE A 142 -0.61 13.60 19.97
C PHE A 142 0.47 14.44 20.66
N PHE A 143 1.52 14.83 19.93
CA PHE A 143 2.52 15.80 20.46
C PHE A 143 1.83 17.09 20.90
N LYS A 144 0.94 17.62 20.06
CA LYS A 144 0.21 18.89 20.30
C LYS A 144 -0.67 18.75 21.55
N LEU A 145 -1.39 17.63 21.66
CA LEU A 145 -2.28 17.38 22.80
C LEU A 145 -1.55 17.27 24.12
N GLU A 146 -0.52 16.40 24.16
CA GLU A 146 0.20 16.14 25.39
C GLU A 146 1.18 17.27 25.75
N ARG A 147 1.99 17.70 24.79
CA ARG A 147 3.10 18.64 25.07
C ARG A 147 2.66 20.09 25.12
N ASP A 148 1.78 20.51 24.21
CA ASP A 148 1.36 21.93 24.15
C ASP A 148 0.08 22.21 24.91
N MET A 149 -0.91 21.33 24.77
CA MET A 149 -2.22 21.57 25.39
C MET A 149 -2.37 20.95 26.77
N LYS A 150 -1.47 20.03 27.11
CA LYS A 150 -1.46 19.32 28.41
C LYS A 150 -2.75 18.54 28.67
N ILE A 151 -3.28 17.90 27.61
CA ILE A 151 -4.45 17.05 27.73
C ILE A 151 -3.99 15.60 27.82
N ASN A 152 -4.52 14.86 28.79
CA ASN A 152 -4.10 13.48 29.03
C ASN A 152 -5.14 12.52 28.46
N CYS A 153 -4.74 11.66 27.52
CA CYS A 153 -5.67 10.71 26.90
C CYS A 153 -5.83 9.40 27.68
N SER A 154 -5.07 9.24 28.76
CA SER A 154 -5.10 8.02 29.56
C SER A 154 -6.51 7.70 30.08
N GLY A 155 -6.97 6.48 29.79
CA GLY A 155 -8.31 6.02 30.16
C GLY A 155 -9.47 6.73 29.48
N LYS A 156 -9.20 7.50 28.43
CA LYS A 156 -10.23 8.16 27.64
C LYS A 156 -10.52 7.36 26.36
N ILE A 157 -11.68 7.60 25.77
CA ILE A 157 -11.97 7.09 24.42
C ILE A 157 -11.60 8.19 23.46
N VAL A 158 -10.74 7.88 22.48
CA VAL A 158 -10.38 8.92 21.56
C VAL A 158 -11.25 8.81 20.31
N ILE A 159 -11.62 9.96 19.79
CA ILE A 159 -12.29 10.03 18.50
C ILE A 159 -11.39 10.77 17.51
N ALA A 160 -11.15 10.12 16.37
CA ALA A 160 -10.22 10.58 15.38
C ALA A 160 -10.84 10.51 14.01
N ARG A 161 -10.57 11.52 13.18
CA ARG A 161 -11.00 11.51 11.80
C ARG A 161 -10.04 10.72 10.95
N TYR A 162 -10.61 9.93 10.05
CA TYR A 162 -9.80 9.24 9.03
C TYR A 162 -9.09 10.25 8.17
N GLY A 163 -7.97 9.84 7.58
CA GLY A 163 -7.26 10.70 6.62
C GLY A 163 -5.80 10.83 6.96
N LYS A 164 -5.01 11.21 5.95
CA LYS A 164 -3.58 11.63 6.11
C LYS A 164 -2.62 10.46 6.36
N VAL A 165 -3.00 9.55 7.26
CA VAL A 165 -2.10 8.40 7.57
C VAL A 165 -2.89 7.11 7.68
N PHE A 166 -2.20 5.97 7.55
CA PHE A 166 -2.84 4.68 7.74
C PHE A 166 -3.50 4.51 9.09
N ARG A 167 -4.71 3.95 9.07
CA ARG A 167 -5.51 3.88 10.33
C ARG A 167 -4.84 3.03 11.44
N GLY A 168 -4.01 2.04 11.04
CA GLY A 168 -3.22 1.26 12.00
C GLY A 168 -2.25 2.15 12.81
N ASN A 169 -1.67 3.18 12.17
CA ASN A 169 -0.80 4.10 12.89
C ASN A 169 -1.58 4.96 13.88
N LYS A 170 -2.80 5.36 13.48
CA LYS A 170 -3.69 6.11 14.42
C LYS A 170 -3.94 5.30 15.70
N VAL A 171 -4.22 3.99 15.54
CA VAL A 171 -4.58 3.15 16.67
C VAL A 171 -3.34 2.91 17.55
N LYS A 172 -2.19 2.67 16.92
CA LYS A 172 -0.93 2.53 17.64
C LYS A 172 -0.63 3.77 18.48
N ASN A 173 -0.87 4.94 17.88
CA ASN A 173 -0.58 6.22 18.56
C ASN A 173 -1.56 6.39 19.73
N ALA A 174 -2.83 6.04 19.52
CA ALA A 174 -3.87 6.14 20.57
C ALA A 174 -3.54 5.21 21.74
N GLN A 175 -3.11 3.99 21.43
N GLN A 175 -3.09 4.00 21.41
CA GLN A 175 -2.69 3.04 22.48
CA GLN A 175 -2.71 2.98 22.41
C GLN A 175 -1.57 3.61 23.34
C GLN A 175 -1.50 3.41 23.28
N LEU A 176 -0.53 4.12 22.69
CA LEU A 176 0.64 4.67 23.42
C LEU A 176 0.30 5.90 24.24
N ALA A 177 -0.72 6.66 23.82
CA ALA A 177 -1.26 7.77 24.62
C ALA A 177 -2.10 7.31 25.81
N GLY A 178 -2.34 6.00 25.95
CA GLY A 178 -3.14 5.45 27.07
C GLY A 178 -4.64 5.36 26.85
N ALA A 179 -5.10 5.54 25.61
CA ALA A 179 -6.54 5.50 25.31
C ALA A 179 -7.12 4.12 25.62
N LYS A 180 -8.40 4.07 25.99
CA LYS A 180 -9.03 2.78 26.23
C LYS A 180 -9.95 2.32 25.08
N GLY A 181 -10.02 3.13 24.04
CA GLY A 181 -10.83 2.78 22.85
C GLY A 181 -10.62 3.85 21.83
N VAL A 182 -10.87 3.52 20.55
CA VAL A 182 -10.76 4.48 19.47
C VAL A 182 -12.01 4.41 18.58
N ILE A 183 -12.57 5.56 18.27
CA ILE A 183 -13.65 5.72 17.30
C ILE A 183 -13.07 6.46 16.11
N LEU A 184 -13.16 5.88 14.91
CA LEU A 184 -12.68 6.47 13.67
C LEU A 184 -13.91 6.93 12.90
N TYR A 185 -13.84 8.11 12.27
CA TYR A 185 -14.98 8.53 11.48
C TYR A 185 -14.52 9.28 10.23
N SER A 186 -15.37 9.33 9.22
CA SER A 186 -15.07 10.06 8.00
C SER A 186 -15.62 11.49 8.05
N ASP A 187 -14.75 12.47 8.10
CA ASP A 187 -15.23 13.89 8.11
C ASP A 187 -15.49 14.34 6.67
N PRO A 188 -16.57 15.12 6.43
CA PRO A 188 -16.78 15.60 5.08
C PRO A 188 -15.65 16.47 4.57
N ALA A 189 -14.88 17.10 5.46
CA ALA A 189 -13.69 17.86 5.01
C ALA A 189 -12.73 17.00 4.13
N ASP A 190 -12.67 15.73 4.46
CA ASP A 190 -11.74 14.80 3.81
C ASP A 190 -12.42 13.88 2.80
N TYR A 191 -13.73 13.66 2.96
CA TYR A 191 -14.44 12.65 2.13
C TYR A 191 -15.67 13.19 1.40
N PHE A 192 -15.80 14.52 1.32
CA PHE A 192 -16.93 15.10 0.57
C PHE A 192 -16.39 16.30 -0.24
N ALA A 193 -16.18 16.11 -1.53
CA ALA A 193 -15.61 17.17 -2.38
C ALA A 193 -16.70 18.20 -2.62
N PRO A 194 -16.35 19.49 -2.47
CA PRO A 194 -17.33 20.56 -2.71
C PRO A 194 -17.97 20.51 -4.11
N GLY A 195 -19.29 20.74 -4.15
CA GLY A 195 -20.07 20.75 -5.39
C GLY A 195 -20.37 19.45 -6.10
N VAL A 196 -20.11 18.31 -5.44
CA VAL A 196 -20.39 16.98 -6.00
C VAL A 196 -21.47 16.34 -5.13
N LYS A 197 -22.36 15.55 -5.74
CA LYS A 197 -23.43 14.91 -4.99
C LYS A 197 -22.99 13.61 -4.31
N SER A 198 -23.60 13.28 -3.17
CA SER A 198 -23.45 11.94 -2.52
C SER A 198 -23.91 10.84 -3.43
N TYR A 199 -23.30 9.65 -3.30
CA TYR A 199 -23.78 8.44 -3.96
C TYR A 199 -25.26 8.20 -3.57
N PRO A 200 -26.14 7.81 -4.53
CA PRO A 200 -25.92 7.32 -5.92
C PRO A 200 -25.89 8.39 -7.00
N ASP A 201 -25.99 9.66 -6.61
CA ASP A 201 -26.12 10.77 -7.58
C ASP A 201 -24.80 11.45 -7.90
N GLY A 202 -23.73 11.05 -7.21
CA GLY A 202 -22.39 11.49 -7.51
C GLY A 202 -21.43 10.57 -6.77
N TRP A 203 -20.17 10.98 -6.72
CA TRP A 203 -19.13 10.12 -6.12
C TRP A 203 -18.72 10.42 -4.68
N ASN A 204 -19.50 11.26 -3.98
CA ASN A 204 -19.24 11.63 -2.60
C ASN A 204 -19.78 10.63 -1.58
N LEU A 205 -19.20 10.64 -0.37
CA LEU A 205 -19.64 9.80 0.73
C LEU A 205 -20.89 10.41 1.38
N PRO A 206 -21.97 9.63 1.43
CA PRO A 206 -23.15 10.03 2.24
C PRO A 206 -22.89 9.94 3.74
N GLY A 207 -23.75 10.56 4.54
CA GLY A 207 -23.53 10.63 6.00
C GLY A 207 -23.64 9.27 6.68
N GLY A 208 -24.28 8.32 6.02
CA GLY A 208 -24.42 6.96 6.54
C GLY A 208 -23.30 6.04 6.04
N GLY A 209 -22.46 6.54 5.14
CA GLY A 209 -21.32 5.73 4.58
C GLY A 209 -20.23 5.56 5.65
N VAL A 210 -19.54 4.42 5.62
CA VAL A 210 -18.50 4.14 6.61
C VAL A 210 -17.33 3.38 5.90
N GLN A 211 -16.12 3.76 6.27
CA GLN A 211 -14.90 3.13 5.72
C GLN A 211 -14.49 1.97 6.60
N ARG A 212 -14.53 0.76 6.05
CA ARG A 212 -13.96 -0.45 6.68
C ARG A 212 -12.43 -0.44 6.55
N GLY A 213 -11.77 -1.31 7.32
CA GLY A 213 -10.29 -1.48 7.13
C GLY A 213 -9.63 -2.06 8.35
N ASN A 214 -8.55 -2.83 8.11
CA ASN A 214 -7.83 -3.39 9.27
C ASN A 214 -7.00 -2.34 9.99
N ILE A 215 -6.77 -2.59 11.28
CA ILE A 215 -5.99 -1.69 12.14
C ILE A 215 -4.75 -2.37 12.74
N LEU A 216 -4.17 -3.29 11.95
CA LEU A 216 -2.93 -4.00 12.40
C LEU A 216 -1.71 -3.13 12.25
N ASN A 217 -0.68 -3.47 13.05
CA ASN A 217 0.68 -2.94 12.87
C ASN A 217 1.64 -4.11 12.66
N LEU A 218 1.58 -4.67 11.46
CA LEU A 218 2.34 -5.93 11.20
C LEU A 218 3.78 -5.68 10.85
N ASN A 219 4.10 -4.45 10.39
CA ASN A 219 5.47 -4.15 9.89
C ASN A 219 6.06 -5.19 8.96
N GLY A 220 5.21 -5.67 8.06
CA GLY A 220 5.66 -6.61 7.05
C GLY A 220 5.61 -8.07 7.42
N ALA A 221 5.04 -8.40 8.57
CA ALA A 221 5.15 -9.82 9.05
C ALA A 221 4.24 -10.81 8.31
N GLY A 222 3.15 -10.33 7.72
CA GLY A 222 2.13 -11.24 7.11
C GLY A 222 1.18 -11.78 8.17
N ASP A 223 0.78 -13.06 8.08
CA ASP A 223 -0.14 -13.61 9.07
C ASP A 223 0.36 -13.37 10.49
N PRO A 224 -0.48 -12.81 11.36
CA PRO A 224 -0.01 -12.54 12.71
C PRO A 224 0.53 -13.74 13.48
N LEU A 225 0.06 -14.94 13.12
CA LEU A 225 0.47 -16.12 13.90
C LEU A 225 1.71 -16.85 13.41
N THR A 226 2.18 -16.53 12.21
CA THR A 226 3.31 -17.28 11.61
C THR A 226 4.43 -16.42 11.02
N PRO A 227 4.93 -15.41 11.75
CA PRO A 227 5.93 -14.53 11.12
C PRO A 227 7.20 -15.27 10.69
N GLY A 228 7.60 -15.06 9.43
CA GLY A 228 8.80 -15.72 8.88
C GLY A 228 8.57 -16.94 8.01
N TYR A 229 7.42 -17.59 8.15
CA TYR A 229 7.17 -18.93 7.59
C TYR A 229 5.74 -19.03 7.04
N PRO A 230 5.53 -19.79 5.96
CA PRO A 230 4.18 -19.86 5.41
C PRO A 230 3.19 -20.60 6.33
N ALA A 231 1.96 -20.04 6.40
CA ALA A 231 0.89 -20.63 7.20
C ALA A 231 0.28 -21.87 6.49
N ASN A 232 1.10 -22.89 6.32
CA ASN A 232 0.72 -24.13 5.64
C ASN A 232 0.05 -25.10 6.62
N GLU A 233 -0.12 -26.35 6.19
N GLU A 233 -0.18 -26.35 6.19
CA GLU A 233 -0.92 -27.36 6.89
CA GLU A 233 -0.96 -27.28 6.99
C GLU A 233 -0.29 -27.91 8.16
C GLU A 233 -0.29 -27.60 8.31
N TYR A 234 1.03 -27.74 8.30
CA TYR A 234 1.75 -28.17 9.50
C TYR A 234 2.39 -27.04 10.28
N ALA A 235 1.99 -25.81 9.98
CA ALA A 235 2.63 -24.68 10.61
C ALA A 235 2.40 -24.67 12.09
N TYR A 236 3.34 -24.20 12.88
N TYR A 236 3.46 -24.27 12.78
CA TYR A 236 3.12 -24.13 14.33
CA TYR A 236 3.41 -23.85 14.16
C TYR A 236 2.84 -22.66 14.68
C TYR A 236 2.93 -22.43 14.10
N ARG A 237 1.66 -22.36 15.24
N ARG A 237 1.97 -22.19 14.99
CA ARG A 237 1.19 -20.97 15.40
CA ARG A 237 1.35 -20.90 15.16
C ARG A 237 1.49 -20.39 16.72
C ARG A 237 1.62 -20.42 16.59
N ARG A 238 1.86 -19.11 16.70
CA ARG A 238 1.90 -18.39 17.98
C ARG A 238 0.52 -18.40 18.61
N GLY A 239 0.49 -18.30 19.95
CA GLY A 239 -0.75 -18.03 20.63
C GLY A 239 -1.14 -16.58 20.43
N ILE A 240 -2.42 -16.26 20.63
CA ILE A 240 -2.92 -14.88 20.40
C ILE A 240 -2.10 -13.85 21.14
N ALA A 241 -1.70 -14.14 22.37
CA ALA A 241 -0.94 -13.18 23.17
C ALA A 241 0.43 -12.82 22.61
N GLU A 242 1.00 -13.68 21.75
CA GLU A 242 2.31 -13.44 21.14
C GLU A 242 2.18 -13.13 19.64
N ALA A 243 0.95 -12.98 19.17
CA ALA A 243 0.73 -12.70 17.75
C ALA A 243 1.32 -11.33 17.40
N VAL A 244 1.65 -11.16 16.12
CA VAL A 244 2.21 -9.88 15.68
C VAL A 244 1.12 -8.89 15.33
N GLY A 245 1.26 -7.70 15.88
CA GLY A 245 0.55 -6.53 15.33
C GLY A 245 -0.87 -6.23 15.75
N LEU A 246 -1.39 -7.04 16.67
N LEU A 246 -1.43 -7.05 16.64
CA LEU A 246 -2.80 -6.87 17.11
CA LEU A 246 -2.82 -6.87 17.07
C LEU A 246 -2.98 -5.65 18.02
C LEU A 246 -3.01 -5.70 18.04
N PRO A 247 -4.08 -4.90 17.86
CA PRO A 247 -4.35 -3.78 18.78
C PRO A 247 -4.82 -4.26 20.14
N SER A 248 -4.56 -3.46 21.17
N SER A 248 -4.56 -3.49 21.19
CA SER A 248 -4.90 -3.82 22.57
CA SER A 248 -4.95 -3.89 22.56
C SER A 248 -6.21 -3.22 23.07
C SER A 248 -6.12 -3.10 23.14
N ILE A 249 -6.77 -2.30 22.30
CA ILE A 249 -7.97 -1.52 22.70
C ILE A 249 -9.03 -1.63 21.59
N PRO A 250 -10.33 -1.61 21.95
CA PRO A 250 -11.38 -1.73 20.94
C PRO A 250 -11.45 -0.52 20.00
N VAL A 251 -11.77 -0.77 18.72
CA VAL A 251 -11.82 0.28 17.70
C VAL A 251 -13.04 0.06 16.82
N HIS A 252 -13.69 1.14 16.39
CA HIS A 252 -14.84 1.01 15.51
C HIS A 252 -14.98 2.24 14.60
N PRO A 253 -15.36 2.04 13.31
CA PRO A 253 -15.53 3.20 12.42
C PRO A 253 -17.01 3.58 12.27
N ILE A 254 -17.26 4.87 12.13
CA ILE A 254 -18.61 5.38 11.90
C ILE A 254 -18.61 6.45 10.80
N GLY A 255 -19.81 6.76 10.31
CA GLY A 255 -19.99 7.81 9.35
C GLY A 255 -20.26 9.18 9.98
N TYR A 256 -20.38 10.20 9.15
CA TYR A 256 -20.40 11.56 9.71
C TYR A 256 -21.76 11.98 10.30
N TYR A 257 -22.86 11.35 9.88
CA TYR A 257 -24.11 11.57 10.66
C TYR A 257 -23.97 11.14 12.10
N ASP A 258 -23.43 9.93 12.31
CA ASP A 258 -23.16 9.44 13.65
C ASP A 258 -22.08 10.23 14.38
N ALA A 259 -21.00 10.58 13.65
CA ALA A 259 -19.94 11.40 14.29
C ALA A 259 -20.45 12.73 14.81
N GLN A 260 -21.30 13.38 14.02
CA GLN A 260 -21.90 14.66 14.43
C GLN A 260 -22.63 14.54 15.79
N LYS A 261 -23.33 13.43 16.00
CA LYS A 261 -23.99 13.20 17.29
C LYS A 261 -23.00 13.01 18.45
N LEU A 262 -21.85 12.38 18.19
CA LEU A 262 -20.84 12.23 19.24
C LEU A 262 -20.02 13.48 19.51
N LEU A 263 -19.80 14.29 18.47
CA LEU A 263 -18.95 15.47 18.60
C LEU A 263 -19.66 16.71 19.10
N GLU A 264 -20.95 16.83 18.76
CA GLU A 264 -21.69 18.09 19.00
C GLU A 264 -21.71 18.49 20.50
N LYS A 265 -21.70 17.49 21.39
CA LYS A 265 -21.72 17.76 22.82
C LYS A 265 -20.36 18.02 23.46
N MET A 266 -19.26 17.88 22.70
CA MET A 266 -17.92 18.00 23.30
C MET A 266 -17.56 19.34 23.95
N GLY A 267 -16.96 19.24 25.14
CA GLY A 267 -16.50 20.39 25.90
C GLY A 267 -14.99 20.46 26.06
N GLY A 268 -14.56 20.87 27.26
CA GLY A 268 -13.14 21.07 27.54
C GLY A 268 -12.52 22.13 26.62
N SER A 269 -11.29 21.89 26.17
CA SER A 269 -10.52 22.86 25.39
C SER A 269 -11.03 23.07 23.98
N ALA A 270 -10.91 24.30 23.49
CA ALA A 270 -11.17 24.63 22.08
C ALA A 270 -10.11 23.94 21.19
N PRO A 271 -10.41 23.72 19.88
CA PRO A 271 -9.34 23.20 19.01
C PRO A 271 -8.19 24.20 18.98
N PRO A 272 -6.93 23.71 18.90
CA PRO A 272 -5.80 24.64 19.02
C PRO A 272 -5.65 25.57 17.82
N ASP A 273 -6.15 25.16 16.65
CA ASP A 273 -6.16 25.97 15.43
C ASP A 273 -7.07 25.36 14.36
N SER A 274 -7.15 26.01 13.20
CA SER A 274 -8.06 25.63 12.13
C SER A 274 -7.75 24.27 11.46
N SER A 275 -6.49 23.81 11.52
CA SER A 275 -6.11 22.51 10.93
C SER A 275 -6.73 21.33 11.72
N TRP A 276 -7.30 21.63 12.89
CA TRP A 276 -8.03 20.68 13.73
C TRP A 276 -9.57 20.65 13.46
N ARG A 277 -10.07 21.65 12.74
N ARG A 277 -10.09 21.68 12.77
CA ARG A 277 -11.49 21.76 12.42
CA ARG A 277 -11.52 21.74 12.46
C ARG A 277 -11.82 21.12 11.08
C ARG A 277 -11.83 21.12 11.10
N GLY A 278 -12.75 20.16 11.08
CA GLY A 278 -13.31 19.59 9.84
C GLY A 278 -14.52 20.44 9.39
N SER A 279 -15.43 19.86 8.59
CA SER A 279 -16.53 20.62 7.96
C SER A 279 -17.90 20.48 8.61
N LEU A 280 -18.02 19.63 9.63
CA LEU A 280 -19.28 19.47 10.36
C LEU A 280 -19.59 20.71 11.16
N LYS A 281 -20.87 20.89 11.45
CA LYS A 281 -21.33 22.04 12.21
C LYS A 281 -21.25 21.73 13.70
N VAL A 282 -19.99 21.65 14.17
CA VAL A 282 -19.64 21.35 15.56
C VAL A 282 -18.41 22.19 15.90
N PRO A 283 -18.14 22.43 17.21
CA PRO A 283 -16.98 23.28 17.55
C PRO A 283 -15.59 22.61 17.35
N TYR A 284 -15.56 21.29 17.29
CA TYR A 284 -14.30 20.51 17.28
C TYR A 284 -13.48 20.70 18.57
N ASN A 285 -14.19 20.86 19.69
CA ASN A 285 -13.56 20.89 21.00
C ASN A 285 -12.81 19.60 21.28
N VAL A 286 -11.70 19.71 21.97
CA VAL A 286 -10.84 18.53 22.16
C VAL A 286 -11.32 17.68 23.34
N GLY A 287 -12.08 18.28 24.26
CA GLY A 287 -12.49 17.54 25.46
C GLY A 287 -11.48 17.72 26.59
N PRO A 288 -11.38 16.77 27.52
CA PRO A 288 -12.15 15.54 27.61
C PRO A 288 -13.61 15.79 28.00
N GLY A 289 -14.48 14.92 27.49
CA GLY A 289 -15.89 14.90 27.89
C GLY A 289 -16.75 15.98 27.25
N PHE A 290 -17.99 16.06 27.74
CA PHE A 290 -19.04 16.91 27.16
C PHE A 290 -19.22 18.21 27.94
N THR A 291 -19.86 19.21 27.31
CA THR A 291 -20.16 20.50 27.99
C THR A 291 -21.12 20.32 29.17
N GLY A 292 -21.01 21.23 30.15
CA GLY A 292 -21.68 21.15 31.46
C GLY A 292 -22.99 20.41 31.60
N ASN A 293 -23.95 20.74 30.74
CA ASN A 293 -25.29 20.14 30.80
C ASN A 293 -25.31 18.64 30.59
N PHE A 294 -24.39 18.15 29.76
CA PHE A 294 -24.29 16.72 29.45
C PHE A 294 -23.07 16.06 30.09
N SER A 295 -22.43 16.75 31.04
CA SER A 295 -21.13 16.32 31.58
C SER A 295 -21.14 14.94 32.26
N THR A 296 -22.32 14.46 32.64
CA THR A 296 -22.46 13.15 33.29
C THR A 296 -22.76 12.00 32.32
N GLN A 297 -23.00 12.35 31.06
CA GLN A 297 -23.14 11.35 29.99
C GLN A 297 -21.75 10.87 29.57
N LYS A 298 -21.68 9.64 29.09
CA LYS A 298 -20.43 9.05 28.62
C LYS A 298 -20.64 8.34 27.31
N VAL A 299 -19.54 7.91 26.68
CA VAL A 299 -19.61 7.11 25.47
C VAL A 299 -19.25 5.67 25.81
N LYS A 300 -20.00 4.73 25.23
CA LYS A 300 -19.76 3.31 25.43
C LYS A 300 -19.63 2.57 24.09
N MET A 301 -18.53 1.85 23.93
CA MET A 301 -18.37 1.00 22.76
C MET A 301 -18.85 -0.41 23.06
N HIS A 302 -19.32 -1.13 22.04
CA HIS A 302 -19.69 -2.53 22.20
C HIS A 302 -19.08 -3.25 21.02
N ILE A 303 -17.98 -3.94 21.26
CA ILE A 303 -17.28 -4.61 20.14
C ILE A 303 -17.19 -6.09 20.46
N HIS A 304 -17.65 -6.90 19.53
CA HIS A 304 -17.80 -8.34 19.75
C HIS A 304 -17.24 -9.18 18.62
N SER A 305 -16.44 -8.52 17.78
CA SER A 305 -15.81 -9.22 16.64
C SER A 305 -14.88 -10.31 17.14
N THR A 306 -14.63 -11.32 16.30
CA THR A 306 -13.75 -12.43 16.71
C THR A 306 -12.66 -12.67 15.69
N ASN A 307 -11.49 -13.06 16.18
CA ASN A 307 -10.36 -13.43 15.28
C ASN A 307 -10.45 -14.94 15.10
N GLU A 308 -10.21 -15.41 13.87
N GLU A 308 -10.35 -15.41 13.85
CA GLU A 308 -10.55 -16.77 13.45
CA GLU A 308 -10.46 -16.85 13.54
C GLU A 308 -9.55 -17.20 12.37
C GLU A 308 -9.50 -17.18 12.44
N VAL A 309 -8.85 -18.32 12.59
CA VAL A 309 -7.94 -18.83 11.55
C VAL A 309 -8.86 -19.38 10.42
N THR A 310 -8.57 -18.97 9.19
CA THR A 310 -9.47 -19.15 8.08
C THR A 310 -8.64 -19.41 6.83
N ARG A 311 -9.15 -20.26 5.94
CA ARG A 311 -8.41 -20.57 4.70
C ARG A 311 -8.57 -19.45 3.65
N ILE A 312 -7.45 -19.13 2.99
CA ILE A 312 -7.41 -18.13 1.90
C ILE A 312 -6.74 -18.79 0.69
N TYR A 313 -6.99 -18.23 -0.48
CA TYR A 313 -6.58 -18.84 -1.75
C TYR A 313 -5.98 -17.80 -2.67
N ASN A 314 -4.71 -17.97 -3.02
CA ASN A 314 -4.15 -17.16 -4.11
C ASN A 314 -4.24 -17.92 -5.42
N VAL A 315 -4.49 -17.23 -6.51
CA VAL A 315 -4.38 -17.90 -7.84
C VAL A 315 -3.03 -17.51 -8.43
N ILE A 316 -2.23 -18.52 -8.81
CA ILE A 316 -0.88 -18.26 -9.37
C ILE A 316 -0.83 -18.87 -10.79
N GLY A 317 -0.69 -17.99 -11.77
CA GLY A 317 -0.62 -18.40 -13.19
C GLY A 317 0.81 -18.25 -13.70
N THR A 318 1.26 -19.20 -14.53
CA THR A 318 2.64 -19.16 -15.06
C THR A 318 2.61 -19.13 -16.58
N LEU A 319 3.40 -18.22 -17.15
CA LEU A 319 3.66 -18.23 -18.62
C LEU A 319 5.17 -18.43 -18.75
N ARG A 320 5.58 -19.65 -19.06
CA ARG A 320 6.99 -20.00 -19.06
C ARG A 320 7.82 -19.25 -20.13
N GLY A 321 8.97 -18.71 -19.72
CA GLY A 321 9.89 -18.03 -20.64
C GLY A 321 10.56 -19.00 -21.63
N ALA A 322 10.76 -18.48 -22.83
CA ALA A 322 11.42 -19.29 -23.89
C ALA A 322 12.93 -19.43 -23.72
N VAL A 323 13.57 -18.41 -23.12
CA VAL A 323 15.05 -18.31 -23.10
C VAL A 323 15.57 -18.34 -21.66
N GLU A 324 14.95 -17.52 -20.81
CA GLU A 324 15.33 -17.47 -19.38
C GLU A 324 14.15 -17.84 -18.50
N PRO A 325 13.72 -19.13 -18.53
CA PRO A 325 12.56 -19.51 -17.73
C PRO A 325 12.77 -19.40 -16.21
N ASP A 326 14.03 -19.33 -15.80
CA ASP A 326 14.34 -19.18 -14.39
C ASP A 326 14.49 -17.72 -14.00
N ARG A 327 13.87 -16.80 -14.75
CA ARG A 327 13.82 -15.45 -14.31
C ARG A 327 12.36 -15.07 -14.33
N TYR A 328 11.90 -14.50 -13.22
CA TYR A 328 10.46 -14.23 -13.06
C TYR A 328 10.13 -12.77 -13.03
N VAL A 329 9.19 -12.38 -13.89
CA VAL A 329 8.55 -11.06 -13.84
C VAL A 329 7.12 -11.29 -13.32
N ILE A 330 6.74 -10.62 -12.23
CA ILE A 330 5.50 -10.94 -11.54
C ILE A 330 4.53 -9.76 -11.66
N LEU A 331 3.29 -10.05 -12.11
CA LEU A 331 2.17 -9.05 -12.10
C LEU A 331 1.16 -9.56 -11.09
N GLY A 332 0.97 -8.81 -10.02
CA GLY A 332 0.10 -9.32 -8.93
C GLY A 332 -0.80 -8.24 -8.41
N GLY A 333 -1.99 -8.66 -8.00
CA GLY A 333 -2.89 -7.70 -7.31
C GLY A 333 -3.92 -8.52 -6.56
N HIS A 334 -4.62 -7.87 -5.61
CA HIS A 334 -5.54 -8.66 -4.83
C HIS A 334 -6.93 -8.81 -5.45
N ARG A 335 -7.66 -9.80 -4.91
CA ARG A 335 -9.02 -10.17 -5.35
C ARG A 335 -10.06 -9.98 -4.27
N ASP A 336 -9.65 -10.10 -2.99
CA ASP A 336 -10.60 -9.98 -1.86
C ASP A 336 -11.01 -8.52 -1.74
N SER A 337 -12.26 -8.28 -1.36
CA SER A 337 -12.74 -6.92 -1.22
C SER A 337 -13.45 -6.82 0.10
N TRP A 338 -13.68 -5.60 0.56
CA TRP A 338 -14.51 -5.40 1.77
C TRP A 338 -15.98 -5.70 1.49
N VAL A 339 -16.52 -5.12 0.41
CA VAL A 339 -17.89 -5.42 -0.04
C VAL A 339 -17.81 -5.73 -1.56
N PHE A 340 -18.28 -4.84 -2.43
CA PHE A 340 -18.35 -5.16 -3.85
C PHE A 340 -17.04 -4.91 -4.56
N GLY A 341 -16.18 -4.09 -3.96
CA GLY A 341 -14.86 -3.77 -4.59
C GLY A 341 -14.89 -3.16 -5.98
N GLY A 342 -15.88 -2.29 -6.25
CA GLY A 342 -16.00 -1.67 -7.56
C GLY A 342 -14.76 -0.97 -8.02
N ILE A 343 -14.10 -0.21 -7.13
CA ILE A 343 -12.76 0.28 -7.45
C ILE A 343 -11.70 -0.70 -6.86
N ASP A 344 -11.82 -0.96 -5.57
CA ASP A 344 -10.74 -1.62 -4.79
C ASP A 344 -11.20 -3.06 -4.43
N PRO A 345 -10.67 -4.09 -5.09
CA PRO A 345 -9.56 -4.13 -6.07
C PRO A 345 -10.02 -4.42 -7.47
N GLN A 346 -11.34 -4.49 -7.72
CA GLN A 346 -11.71 -5.14 -8.98
C GLN A 346 -11.37 -4.30 -10.22
N SER A 347 -11.26 -2.98 -10.08
CA SER A 347 -10.78 -2.20 -11.22
C SER A 347 -9.36 -2.57 -11.60
N GLY A 348 -8.58 -3.08 -10.63
CA GLY A 348 -7.22 -3.61 -10.91
C GLY A 348 -7.28 -5.01 -11.40
N ALA A 349 -8.07 -5.86 -10.73
CA ALA A 349 -8.22 -7.29 -11.11
C ALA A 349 -8.76 -7.46 -12.55
N ALA A 350 -9.65 -6.57 -12.97
CA ALA A 350 -10.20 -6.62 -14.32
C ALA A 350 -9.11 -6.31 -15.30
N VAL A 351 -8.23 -5.36 -14.93
CA VAL A 351 -7.08 -4.99 -15.78
C VAL A 351 -6.10 -6.17 -15.88
N VAL A 352 -5.82 -6.84 -14.77
CA VAL A 352 -4.94 -8.03 -14.82
C VAL A 352 -5.54 -9.12 -15.72
N HIS A 353 -6.83 -9.37 -15.55
CA HIS A 353 -7.56 -10.36 -16.36
C HIS A 353 -7.38 -10.09 -17.85
N GLU A 354 -7.54 -8.84 -18.26
CA GLU A 354 -7.36 -8.51 -19.68
C GLU A 354 -5.92 -8.60 -20.17
N ILE A 355 -4.97 -8.29 -19.27
CA ILE A 355 -3.55 -8.47 -19.59
C ILE A 355 -3.20 -9.97 -19.82
N VAL A 356 -3.72 -10.83 -18.96
CA VAL A 356 -3.55 -12.28 -19.08
C VAL A 356 -4.14 -12.73 -20.41
N ARG A 357 -5.34 -12.22 -20.69
CA ARG A 357 -6.01 -12.61 -21.93
C ARG A 357 -5.16 -12.21 -23.14
N SER A 358 -4.62 -10.98 -23.15
CA SER A 358 -3.78 -10.50 -24.26
C SER A 358 -2.49 -11.28 -24.40
N PHE A 359 -1.75 -11.50 -23.29
CA PHE A 359 -0.57 -12.37 -23.36
C PHE A 359 -0.92 -13.77 -23.87
N GLY A 360 -2.05 -14.32 -23.42
CA GLY A 360 -2.46 -15.65 -23.86
C GLY A 360 -2.81 -15.71 -25.35
N THR A 361 -3.30 -14.60 -25.92
CA THR A 361 -3.55 -14.54 -27.38
C THR A 361 -2.25 -14.68 -28.16
N LEU A 362 -1.19 -14.00 -27.72
CA LEU A 362 0.11 -14.09 -28.38
C LEU A 362 0.65 -15.50 -28.24
N LYS A 363 0.50 -16.08 -27.05
CA LYS A 363 0.99 -17.43 -26.77
C LYS A 363 0.32 -18.46 -27.69
N LYS A 364 -0.98 -18.30 -27.92
CA LYS A 364 -1.73 -19.23 -28.79
C LYS A 364 -1.26 -19.16 -30.24
N GLU A 365 -0.68 -18.03 -30.63
CA GLU A 365 -0.07 -17.87 -31.98
C GLU A 365 1.41 -18.27 -32.03
N GLY A 366 1.91 -18.86 -30.93
CA GLY A 366 3.25 -19.45 -30.89
C GLY A 366 4.35 -18.64 -30.21
N TRP A 367 4.00 -17.46 -29.68
CA TRP A 367 4.98 -16.58 -29.05
C TRP A 367 5.13 -16.98 -27.58
N ARG A 368 6.32 -16.76 -27.05
CA ARG A 368 6.51 -16.85 -25.58
C ARG A 368 7.41 -15.69 -25.23
N PRO A 369 7.24 -15.12 -24.01
CA PRO A 369 8.18 -14.10 -23.56
C PRO A 369 9.56 -14.69 -23.34
N ARG A 370 10.58 -13.83 -23.31
CA ARG A 370 11.95 -14.27 -23.06
C ARG A 370 12.07 -14.90 -21.65
N ARG A 371 11.59 -14.13 -20.67
CA ARG A 371 11.56 -14.57 -19.24
C ARG A 371 10.15 -15.04 -18.84
N THR A 372 10.07 -15.82 -17.76
CA THR A 372 8.81 -16.33 -17.21
C THR A 372 8.01 -15.16 -16.63
N ILE A 373 6.72 -15.13 -16.95
CA ILE A 373 5.79 -14.22 -16.28
C ILE A 373 4.90 -14.99 -15.35
N LEU A 374 4.83 -14.49 -14.11
CA LEU A 374 3.89 -15.02 -13.12
C LEU A 374 2.78 -13.99 -12.90
N PHE A 375 1.56 -14.52 -12.84
CA PHE A 375 0.38 -13.66 -12.61
C PHE A 375 -0.24 -14.11 -11.30
N ALA A 376 -0.60 -13.15 -10.45
CA ALA A 376 -1.16 -13.51 -9.15
C ALA A 376 -2.43 -12.73 -8.86
N SER A 377 -3.38 -13.49 -8.30
CA SER A 377 -4.62 -12.96 -7.74
C SER A 377 -4.54 -13.25 -6.23
N TRP A 378 -4.16 -12.23 -5.45
CA TRP A 378 -3.87 -12.46 -4.03
C TRP A 378 -5.15 -12.40 -3.22
N ASP A 379 -5.16 -13.21 -2.15
CA ASP A 379 -6.26 -13.16 -1.18
C ASP A 379 -5.86 -12.45 0.10
N ALA A 380 -6.87 -12.06 0.86
CA ALA A 380 -6.73 -11.51 2.22
C ALA A 380 -5.78 -10.29 2.26
N MET A 381 -5.73 -9.55 1.17
CA MET A 381 -4.94 -8.33 1.22
C MET A 381 -5.50 -7.37 2.25
N GLU A 382 -6.84 -7.25 2.24
CA GLU A 382 -7.50 -6.28 3.13
C GLU A 382 -7.27 -6.55 4.61
N PHE A 383 -6.83 -7.78 4.95
CA PHE A 383 -6.56 -8.13 6.33
C PHE A 383 -5.09 -8.08 6.67
N GLY A 384 -4.26 -7.48 5.78
CA GLY A 384 -2.86 -7.22 6.13
C GLY A 384 -1.87 -7.74 5.13
N LEU A 385 -2.25 -7.72 3.87
CA LEU A 385 -1.34 -8.19 2.78
C LEU A 385 -1.01 -9.67 3.02
N LEU A 386 -2.00 -10.42 3.50
CA LEU A 386 -1.68 -11.78 4.00
C LEU A 386 -1.37 -12.80 2.93
N GLY A 387 -2.11 -12.79 1.86
CA GLY A 387 -1.94 -13.79 0.79
C GLY A 387 -0.59 -13.60 0.06
N SER A 388 -0.25 -12.37 -0.33
CA SER A 388 1.03 -12.16 -1.04
C SER A 388 2.20 -12.50 -0.08
N THR A 389 2.06 -12.12 1.18
CA THR A 389 3.19 -12.28 2.13
C THR A 389 3.39 -13.75 2.43
N GLU A 390 2.30 -14.50 2.67
CA GLU A 390 2.51 -15.95 2.93
C GLU A 390 3.11 -16.68 1.73
N TRP A 391 2.63 -16.35 0.54
CA TRP A 391 3.20 -16.90 -0.68
C TRP A 391 4.67 -16.59 -0.86
N ALA A 392 5.05 -15.34 -0.63
CA ALA A 392 6.46 -14.96 -0.71
C ALA A 392 7.25 -15.62 0.38
N GLU A 393 6.69 -15.80 1.59
CA GLU A 393 7.42 -16.58 2.65
C GLU A 393 7.67 -18.02 2.16
N GLU A 394 6.68 -18.63 1.52
CA GLU A 394 6.82 -20.03 1.06
C GLU A 394 7.91 -20.11 -0.03
N ASN A 395 7.93 -19.10 -0.90
CA ASN A 395 8.76 -19.15 -2.11
C ASN A 395 9.97 -18.22 -2.11
N SER A 396 10.38 -17.79 -0.92
CA SER A 396 11.40 -16.75 -0.81
C SER A 396 12.71 -17.12 -1.47
N ARG A 397 13.12 -18.39 -1.42
CA ARG A 397 14.40 -18.74 -2.04
C ARG A 397 14.34 -18.67 -3.55
N LEU A 398 13.20 -19.04 -4.11
CA LEU A 398 13.04 -18.90 -5.55
C LEU A 398 12.99 -17.40 -5.93
N LEU A 399 12.30 -16.63 -5.14
CA LEU A 399 12.12 -15.21 -5.51
C LEU A 399 13.43 -14.45 -5.37
N GLN A 400 14.19 -14.72 -4.31
CA GLN A 400 15.37 -13.90 -4.19
C GLN A 400 16.48 -14.27 -5.17
N GLU A 401 16.49 -15.50 -5.70
CA GLU A 401 17.51 -15.80 -6.68
C GLU A 401 17.03 -15.60 -8.11
N ARG A 402 15.72 -15.48 -8.33
CA ARG A 402 15.17 -15.50 -9.70
C ARG A 402 14.28 -14.31 -10.02
N GLY A 403 13.93 -13.56 -8.99
CA GLY A 403 12.91 -12.49 -9.14
C GLY A 403 13.50 -11.26 -9.81
N VAL A 404 12.98 -10.95 -11.00
CA VAL A 404 13.41 -9.75 -11.70
C VAL A 404 12.69 -8.48 -11.25
N ALA A 405 11.36 -8.55 -11.17
CA ALA A 405 10.55 -7.39 -10.89
C ALA A 405 9.17 -7.81 -10.49
N TYR A 406 8.52 -6.93 -9.73
CA TYR A 406 7.13 -7.11 -9.29
C TYR A 406 6.36 -5.85 -9.67
N ILE A 407 5.30 -6.03 -10.48
CA ILE A 407 4.40 -4.91 -10.81
C ILE A 407 3.06 -5.18 -10.08
N ASN A 408 2.65 -4.23 -9.23
CA ASN A 408 1.42 -4.35 -8.49
C ASN A 408 0.21 -3.99 -9.36
N ALA A 409 -0.97 -4.47 -8.96
CA ALA A 409 -2.18 -4.19 -9.75
C ALA A 409 -3.40 -4.15 -8.84
N ASP A 410 -3.37 -3.26 -7.87
CA ASP A 410 -4.59 -2.95 -7.13
C ASP A 410 -5.37 -1.89 -7.95
N SER A 411 -6.26 -1.15 -7.32
CA SER A 411 -7.19 -0.23 -8.02
C SER A 411 -6.52 0.49 -9.20
N SER A 412 -7.16 0.39 -10.39
CA SER A 412 -6.63 1.07 -11.57
C SER A 412 -6.95 2.56 -11.58
N ILE A 413 -7.94 2.98 -10.80
CA ILE A 413 -8.37 4.39 -10.80
C ILE A 413 -8.58 4.84 -9.36
N GLU A 414 -8.26 6.08 -9.05
CA GLU A 414 -8.69 6.67 -7.77
C GLU A 414 -9.13 8.11 -8.11
N GLY A 415 -9.18 8.37 -9.40
CA GLY A 415 -9.60 9.67 -9.94
C GLY A 415 -9.46 9.60 -11.45
N ASN A 416 -9.66 10.72 -12.13
CA ASN A 416 -9.63 10.70 -13.59
C ASN A 416 -8.80 11.86 -14.14
N TYR A 417 -7.83 12.33 -13.36
CA TYR A 417 -7.06 13.52 -13.71
C TYR A 417 -5.81 13.19 -14.47
N THR A 418 -4.94 12.35 -13.88
CA THR A 418 -3.69 12.05 -14.57
C THR A 418 -3.11 10.73 -14.08
N LEU A 419 -2.02 10.34 -14.70
CA LEU A 419 -1.29 9.13 -14.27
C LEU A 419 -0.57 9.32 -12.93
N ARG A 420 -0.51 8.25 -12.13
CA ARG A 420 0.31 8.22 -10.90
C ARG A 420 1.21 6.99 -11.04
N VAL A 421 2.53 7.18 -10.87
CA VAL A 421 3.45 6.03 -10.80
C VAL A 421 4.29 6.14 -9.52
N ASP A 422 4.46 5.02 -8.79
CA ASP A 422 5.39 4.97 -7.65
C ASP A 422 6.25 3.76 -7.95
N CYS A 423 7.56 3.89 -7.88
CA CYS A 423 8.42 2.74 -8.23
C CYS A 423 9.84 2.96 -7.77
N THR A 424 10.62 1.91 -7.86
CA THR A 424 12.05 2.01 -7.65
C THR A 424 12.72 2.91 -8.73
N PRO A 425 13.77 3.64 -8.36
CA PRO A 425 14.50 4.43 -9.35
C PRO A 425 14.94 3.57 -10.55
N LEU A 426 15.18 2.26 -10.32
CA LEU A 426 15.60 1.39 -11.44
C LEU A 426 14.64 1.36 -12.60
N MET A 427 13.39 1.70 -12.36
CA MET A 427 12.35 1.68 -13.40
C MET A 427 12.00 3.03 -13.96
N TYR A 428 12.65 4.10 -13.53
CA TYR A 428 12.26 5.45 -14.01
C TYR A 428 12.37 5.57 -15.53
N SER A 429 13.49 5.10 -16.07
CA SER A 429 13.74 5.22 -17.51
C SER A 429 12.75 4.39 -18.32
N LEU A 430 12.52 3.14 -17.88
CA LEU A 430 11.49 2.27 -18.44
C LEU A 430 10.13 2.99 -18.52
N VAL A 431 9.72 3.58 -17.42
CA VAL A 431 8.40 4.28 -17.37
C VAL A 431 8.36 5.51 -18.27
N HIS A 432 9.40 6.34 -18.22
CA HIS A 432 9.46 7.51 -19.15
C HIS A 432 9.35 7.04 -20.61
N ASN A 433 10.12 6.02 -20.98
CA ASN A 433 10.13 5.55 -22.39
C ASN A 433 8.79 4.94 -22.77
N LEU A 434 8.16 4.19 -21.87
CA LEU A 434 6.92 3.50 -22.25
C LEU A 434 5.81 4.52 -22.43
N THR A 435 5.72 5.46 -21.50
CA THR A 435 4.65 6.46 -21.55
C THR A 435 4.81 7.41 -22.75
N LYS A 436 6.02 7.58 -23.28
CA LYS A 436 6.19 8.41 -24.52
C LYS A 436 5.58 7.70 -25.74
N GLU A 437 5.39 6.39 -25.65
CA GLU A 437 4.88 5.57 -26.75
C GLU A 437 3.40 5.28 -26.66
N LEU A 438 2.76 5.63 -25.54
CA LEU A 438 1.35 5.41 -25.33
C LEU A 438 0.55 6.68 -25.58
N LYS A 439 -0.68 6.49 -26.03
CA LYS A 439 -1.58 7.64 -26.31
C LYS A 439 -2.18 8.19 -25.02
N SER A 440 -2.27 9.51 -24.88
CA SER A 440 -2.98 10.09 -23.71
C SER A 440 -4.50 9.92 -23.85
N PRO A 441 -5.19 9.57 -22.76
CA PRO A 441 -6.65 9.43 -22.85
C PRO A 441 -7.35 10.71 -22.43
N ASP A 442 -6.58 11.74 -22.10
CA ASP A 442 -7.10 12.95 -21.45
C ASP A 442 -7.71 13.87 -22.50
N GLU A 443 -8.80 14.50 -22.11
CA GLU A 443 -9.43 15.59 -22.89
C GLU A 443 -8.44 16.76 -23.06
N GLY A 444 -8.30 17.26 -24.29
CA GLY A 444 -7.32 18.31 -24.58
C GLY A 444 -5.96 17.78 -25.03
N PHE A 445 -5.73 16.47 -24.90
CA PHE A 445 -4.43 15.87 -25.27
C PHE A 445 -4.62 14.80 -26.35
N GLU A 446 -5.66 14.95 -27.15
CA GLU A 446 -5.94 14.05 -28.27
C GLU A 446 -4.74 14.11 -29.21
N GLY A 447 -4.19 12.95 -29.52
CA GLY A 447 -3.03 12.91 -30.43
C GLY A 447 -1.68 13.15 -29.74
N LYS A 448 -1.69 13.38 -28.42
CA LYS A 448 -0.47 13.56 -27.67
C LYS A 448 -0.16 12.29 -26.86
N SER A 449 1.10 12.16 -26.48
CA SER A 449 1.53 11.00 -25.67
C SER A 449 1.01 11.12 -24.25
N LEU A 450 0.92 9.96 -23.60
CA LEU A 450 0.64 9.89 -22.17
C LEU A 450 1.75 10.63 -21.38
N TYR A 451 3.02 10.47 -21.81
CA TYR A 451 4.11 11.22 -21.20
C TYR A 451 3.86 12.73 -21.18
N GLU A 452 3.43 13.27 -22.33
CA GLU A 452 3.14 14.70 -22.40
C GLU A 452 2.02 15.17 -21.44
N SER A 453 0.90 14.44 -21.39
CA SER A 453 -0.21 14.83 -20.51
C SER A 453 0.16 14.68 -19.04
N TRP A 454 0.82 13.57 -18.73
CA TRP A 454 1.26 13.32 -17.36
C TRP A 454 2.25 14.39 -16.85
N THR A 455 3.26 14.70 -17.67
CA THR A 455 4.27 15.69 -17.30
C THR A 455 3.65 17.08 -17.11
N LYS A 456 2.68 17.43 -17.96
CA LYS A 456 1.99 18.72 -17.85
C LYS A 456 1.17 18.80 -16.56
N LYS A 457 0.38 17.77 -16.27
CA LYS A 457 -0.53 17.72 -15.10
C LYS A 457 0.13 17.42 -13.78
N SER A 458 1.25 16.70 -13.81
CA SER A 458 1.97 16.28 -12.62
C SER A 458 3.49 16.51 -12.77
N PRO A 459 3.92 17.79 -12.78
CA PRO A 459 5.34 18.05 -13.03
C PRO A 459 6.23 17.59 -11.88
N SER A 460 7.40 17.09 -12.21
CA SER A 460 8.42 16.81 -11.22
C SER A 460 8.76 18.09 -10.43
N PRO A 461 8.80 18.00 -9.08
CA PRO A 461 9.24 19.18 -8.30
C PRO A 461 10.72 19.61 -8.51
N GLU A 462 11.51 18.72 -9.10
N GLU A 462 11.57 18.71 -9.00
CA GLU A 462 12.97 18.81 -9.21
CA GLU A 462 12.97 19.09 -9.28
C GLU A 462 13.49 19.14 -10.62
C GLU A 462 13.21 19.46 -10.75
N PHE A 463 12.88 18.54 -11.65
CA PHE A 463 13.34 18.65 -13.04
C PHE A 463 12.27 19.12 -14.02
N SER A 464 12.64 20.10 -14.82
CA SER A 464 11.74 20.61 -15.85
C SER A 464 11.55 19.56 -16.94
N GLY A 465 10.31 19.42 -17.40
CA GLY A 465 9.99 18.57 -18.55
C GLY A 465 9.93 17.09 -18.20
N MET A 466 9.97 16.80 -16.90
CA MET A 466 9.84 15.43 -16.35
C MET A 466 8.58 15.34 -15.49
N PRO A 467 7.97 14.14 -15.43
CA PRO A 467 6.82 13.95 -14.54
C PRO A 467 7.23 13.56 -13.12
N ARG A 468 6.32 13.74 -12.16
CA ARG A 468 6.51 13.25 -10.80
C ARG A 468 6.40 11.71 -10.72
N ILE A 469 7.40 11.05 -10.11
CA ILE A 469 7.28 9.62 -9.79
C ILE A 469 7.64 9.52 -8.30
N SER A 470 6.76 8.91 -7.53
CA SER A 470 6.92 8.87 -6.08
C SER A 470 7.68 7.62 -5.66
N LYS A 471 8.12 7.66 -4.41
N LYS A 471 8.29 7.65 -4.49
CA LYS A 471 8.67 6.50 -3.72
CA LYS A 471 8.87 6.43 -3.94
C LYS A 471 7.56 5.50 -3.53
C LYS A 471 7.71 5.54 -3.48
N LEU A 472 7.93 4.23 -3.48
CA LEU A 472 6.99 3.25 -2.99
C LEU A 472 6.89 3.40 -1.49
N GLY A 473 5.66 3.39 -1.02
CA GLY A 473 5.41 3.41 0.42
C GLY A 473 5.08 1.99 0.76
N SER A 474 3.92 1.79 1.39
CA SER A 474 3.42 0.44 1.63
C SER A 474 1.91 0.45 1.74
N GLY A 475 1.34 -0.57 2.41
CA GLY A 475 -0.10 -0.74 2.42
C GLY A 475 -0.59 -1.42 1.16
N ASN A 476 0.32 -2.09 0.40
CA ASN A 476 -0.13 -2.88 -0.74
C ASN A 476 0.78 -4.05 -1.00
N ASP A 477 0.40 -4.91 -1.96
CA ASP A 477 0.98 -6.29 -1.98
C ASP A 477 2.42 -6.34 -2.49
N PHE A 478 2.96 -5.23 -3.00
CA PHE A 478 4.39 -5.16 -3.31
C PHE A 478 5.30 -5.18 -2.05
N GLU A 479 4.75 -5.00 -0.86
CA GLU A 479 5.59 -4.78 0.34
C GLU A 479 6.57 -5.91 0.57
N VAL A 480 6.09 -7.15 0.51
CA VAL A 480 7.01 -8.29 0.78
C VAL A 480 8.10 -8.36 -0.28
N PHE A 481 7.70 -8.15 -1.54
CA PHE A 481 8.68 -8.28 -2.60
C PHE A 481 9.73 -7.18 -2.57
N PHE A 482 9.34 -5.95 -2.27
CA PHE A 482 10.29 -4.82 -2.30
C PHE A 482 11.04 -4.65 -0.97
N GLN A 483 10.29 -4.42 0.11
CA GLN A 483 10.95 -4.11 1.39
C GLN A 483 11.53 -5.32 2.14
N ARG A 484 10.97 -6.50 1.94
CA ARG A 484 11.56 -7.70 2.56
C ARG A 484 12.60 -8.35 1.67
N LEU A 485 12.20 -8.61 0.44
CA LEU A 485 13.05 -9.40 -0.47
C LEU A 485 13.96 -8.59 -1.37
N GLY A 486 13.70 -7.31 -1.60
CA GLY A 486 14.59 -6.57 -2.48
C GLY A 486 14.44 -6.85 -3.97
N ILE A 487 13.20 -7.02 -4.42
CA ILE A 487 12.92 -7.22 -5.85
C ILE A 487 12.40 -5.87 -6.33
N ALA A 488 12.97 -5.36 -7.41
CA ALA A 488 12.54 -4.05 -8.05
C ALA A 488 11.04 -4.08 -8.24
N SER A 489 10.32 -3.04 -7.75
CA SER A 489 8.88 -3.08 -7.81
C SER A 489 8.33 -1.75 -8.33
N GLY A 490 7.12 -1.81 -8.86
CA GLY A 490 6.44 -0.58 -9.34
C GLY A 490 4.91 -0.71 -9.30
N ARG A 491 4.24 0.45 -9.36
CA ARG A 491 2.78 0.49 -9.41
C ARG A 491 2.38 1.70 -10.24
N ALA A 492 1.18 1.65 -10.85
CA ALA A 492 0.68 2.78 -11.66
C ALA A 492 -0.84 2.75 -11.63
N ARG A 493 -1.47 3.93 -11.57
CA ARG A 493 -2.93 4.01 -11.65
C ARG A 493 -3.30 5.38 -12.10
N TYR A 494 -4.57 5.60 -12.47
CA TYR A 494 -5.03 6.95 -12.69
C TYR A 494 -5.46 7.59 -11.38
N THR A 495 -5.25 8.89 -11.26
CA THR A 495 -5.40 9.54 -9.94
C THR A 495 -6.09 10.91 -10.05
N LYS A 496 -6.34 11.52 -8.89
CA LYS A 496 -6.93 12.85 -8.73
C LYS A 496 -5.85 13.95 -8.81
N ASN A 497 -6.26 15.22 -8.87
CA ASN A 497 -5.35 16.37 -8.90
C ASN A 497 -4.59 16.60 -7.58
N ASN A 501 -3.24 14.74 0.47
CA ASN A 501 -4.53 14.06 0.58
C ASN A 501 -4.53 12.68 -0.09
N LYS A 502 -3.46 12.37 -0.82
CA LYS A 502 -3.33 11.08 -1.51
C LYS A 502 -3.46 9.84 -0.59
N PHE A 503 -3.22 10.00 0.71
CA PHE A 503 -3.26 8.85 1.63
C PHE A 503 -4.64 8.67 2.27
N SER A 504 -5.56 9.59 2.01
CA SER A 504 -6.90 9.49 2.68
C SER A 504 -7.82 8.53 1.95
N GLY A 505 -7.57 8.27 0.66
CA GLY A 505 -8.50 7.48 -0.16
C GLY A 505 -9.55 8.42 -0.79
N TYR A 506 -10.17 7.94 -1.85
CA TYR A 506 -11.24 8.64 -2.58
C TYR A 506 -12.48 8.54 -1.65
N PRO A 507 -13.53 9.32 -1.92
CA PRO A 507 -14.58 9.40 -0.91
C PRO A 507 -15.30 8.10 -0.52
N LEU A 508 -15.50 7.18 -1.46
CA LEU A 508 -16.27 5.94 -1.18
C LEU A 508 -15.38 4.77 -0.85
N TYR A 509 -14.10 5.07 -0.62
CA TYR A 509 -13.12 4.01 -0.25
C TYR A 509 -13.61 3.11 0.89
N HIS A 510 -13.61 1.76 0.60
CA HIS A 510 -13.91 0.68 1.56
C HIS A 510 -15.35 0.77 2.14
N SER A 511 -16.21 1.46 1.40
CA SER A 511 -17.63 1.54 1.73
C SER A 511 -18.49 0.63 0.80
N VAL A 512 -19.71 0.34 1.24
CA VAL A 512 -20.67 -0.44 0.43
C VAL A 512 -21.00 0.27 -0.89
N TYR A 513 -20.71 1.59 -0.98
CA TYR A 513 -21.10 2.37 -2.17
C TYR A 513 -20.10 2.23 -3.29
N GLU A 514 -18.97 1.51 -3.05
CA GLU A 514 -17.97 1.29 -4.09
C GLU A 514 -18.41 0.16 -5.00
N THR A 515 -19.16 0.51 -6.05
CA THR A 515 -19.86 -0.45 -6.89
C THR A 515 -19.43 -0.30 -8.34
N TYR A 516 -19.83 -1.25 -9.17
CA TYR A 516 -19.68 -1.13 -10.61
C TYR A 516 -20.31 0.20 -11.11
N GLU A 517 -21.47 0.55 -10.59
CA GLU A 517 -22.14 1.80 -11.04
C GLU A 517 -21.34 3.03 -10.73
N LEU A 518 -20.67 3.04 -9.57
CA LEU A 518 -19.80 4.16 -9.25
C LEU A 518 -18.79 4.43 -10.37
N VAL A 519 -18.16 3.33 -10.83
CA VAL A 519 -17.10 3.43 -11.85
C VAL A 519 -17.68 3.82 -13.22
N GLU A 520 -18.70 3.07 -13.65
CA GLU A 520 -19.31 3.23 -14.97
C GLU A 520 -20.01 4.60 -15.12
N LYS A 521 -20.59 5.13 -14.04
CA LYS A 521 -21.28 6.42 -14.12
C LYS A 521 -20.38 7.62 -13.86
N PHE A 522 -19.44 7.53 -12.91
CA PHE A 522 -18.78 8.71 -12.40
C PHE A 522 -17.28 8.74 -12.60
N TYR A 523 -16.60 7.57 -12.66
CA TYR A 523 -15.17 7.63 -12.85
C TYR A 523 -14.67 7.47 -14.26
N ASP A 524 -15.18 6.47 -14.97
CA ASP A 524 -14.59 6.09 -16.24
C ASP A 524 -15.58 5.44 -17.18
N PRO A 525 -16.60 6.21 -17.63
CA PRO A 525 -17.66 5.64 -18.44
C PRO A 525 -17.23 4.88 -19.67
N MET A 526 -16.18 5.36 -20.35
N MET A 526 -16.19 5.38 -20.35
CA MET A 526 -15.66 4.74 -21.59
CA MET A 526 -15.65 4.77 -21.58
C MET A 526 -14.52 3.76 -21.32
C MET A 526 -14.65 3.64 -21.29
N PHE A 527 -14.21 3.56 -20.03
CA PHE A 527 -13.14 2.62 -19.64
C PHE A 527 -11.80 2.93 -20.31
N LYS A 528 -11.63 4.19 -20.70
CA LYS A 528 -10.41 4.60 -21.34
C LYS A 528 -9.26 4.76 -20.33
N TYR A 529 -9.55 5.15 -19.09
CA TYR A 529 -8.50 5.28 -18.09
C TYR A 529 -8.05 3.90 -17.68
N HIS A 530 -9.01 2.98 -17.51
CA HIS A 530 -8.68 1.56 -17.27
C HIS A 530 -7.77 1.01 -18.40
N LEU A 531 -8.10 1.31 -19.66
CA LEU A 531 -7.29 0.84 -20.76
C LEU A 531 -5.87 1.38 -20.69
N THR A 532 -5.74 2.69 -20.42
CA THR A 532 -4.42 3.36 -20.28
C THR A 532 -3.59 2.69 -19.19
N VAL A 533 -4.24 2.48 -18.05
CA VAL A 533 -3.53 1.74 -16.95
C VAL A 533 -3.15 0.32 -17.34
N ALA A 534 -4.01 -0.37 -18.09
CA ALA A 534 -3.66 -1.71 -18.59
C ALA A 534 -2.43 -1.67 -19.51
N GLN A 535 -2.38 -0.65 -20.35
CA GLN A 535 -1.21 -0.43 -21.22
C GLN A 535 0.10 -0.15 -20.44
N VAL A 536 0.00 0.65 -19.37
CA VAL A 536 1.18 0.96 -18.55
C VAL A 536 1.63 -0.29 -17.80
N ARG A 537 0.71 -0.93 -17.08
CA ARG A 537 1.12 -2.12 -16.29
C ARG A 537 1.58 -3.24 -17.20
N GLY A 538 0.77 -3.57 -18.21
CA GLY A 538 1.11 -4.58 -19.19
C GLY A 538 2.36 -4.28 -19.99
N GLY A 539 2.54 -3.03 -20.40
CA GLY A 539 3.75 -2.60 -21.15
C GLY A 539 5.00 -2.76 -20.30
N MET A 540 4.90 -2.35 -19.03
CA MET A 540 6.04 -2.59 -18.11
C MET A 540 6.38 -4.07 -18.01
N VAL A 541 5.38 -4.93 -17.77
CA VAL A 541 5.63 -6.39 -17.69
C VAL A 541 6.25 -6.91 -18.99
N PHE A 542 5.68 -6.49 -20.13
CA PHE A 542 6.20 -6.90 -21.41
C PHE A 542 7.68 -6.58 -21.57
N GLU A 543 8.06 -5.33 -21.27
CA GLU A 543 9.48 -4.92 -21.44
C GLU A 543 10.39 -5.68 -20.45
N LEU A 544 9.93 -5.79 -19.19
CA LEU A 544 10.74 -6.52 -18.20
C LEU A 544 10.92 -7.97 -18.59
N ALA A 545 9.89 -8.58 -19.17
CA ALA A 545 9.96 -10.02 -19.48
C ALA A 545 10.60 -10.29 -20.85
N ASN A 546 10.72 -9.27 -21.70
CA ASN A 546 11.21 -9.50 -23.07
C ASN A 546 12.43 -8.81 -23.53
N SER A 547 12.79 -7.70 -22.90
CA SER A 547 14.00 -6.94 -23.30
C SER A 547 15.25 -7.79 -23.13
N ILE A 548 16.14 -7.75 -24.12
CA ILE A 548 17.35 -8.59 -24.01
C ILE A 548 18.18 -8.18 -22.81
N VAL A 549 18.47 -6.88 -22.72
CA VAL A 549 19.12 -6.36 -21.50
C VAL A 549 17.96 -5.89 -20.59
N LEU A 550 18.00 -6.23 -19.29
CA LEU A 550 16.93 -5.77 -18.39
C LEU A 550 16.80 -4.25 -18.44
N PRO A 551 15.54 -3.72 -18.46
CA PRO A 551 15.33 -2.26 -18.66
C PRO A 551 15.44 -1.46 -17.34
N PHE A 552 16.56 -1.64 -16.64
CA PHE A 552 16.88 -0.94 -15.40
C PHE A 552 18.04 0.02 -15.67
N ASP A 553 17.96 1.25 -15.14
CA ASP A 553 19.10 2.19 -15.27
C ASP A 553 19.67 2.51 -13.87
N CYS A 554 20.81 1.87 -13.53
CA CYS A 554 21.42 2.14 -12.22
C CYS A 554 21.81 3.60 -11.95
N ARG A 555 22.05 4.41 -12.99
CA ARG A 555 22.42 5.80 -12.77
C ARG A 555 21.28 6.59 -12.13
N ASP A 556 20.05 6.14 -12.36
CA ASP A 556 18.90 6.81 -11.71
C ASP A 556 18.91 6.58 -10.22
N TYR A 557 19.38 5.41 -9.77
CA TYR A 557 19.51 5.21 -8.32
C TYR A 557 20.56 6.15 -7.75
N ALA A 558 21.67 6.36 -8.49
CA ALA A 558 22.69 7.27 -7.98
C ALA A 558 22.16 8.71 -7.73
N VAL A 559 21.33 9.22 -8.66
CA VAL A 559 20.75 10.56 -8.51
C VAL A 559 19.89 10.66 -7.24
N VAL A 560 19.06 9.65 -7.02
CA VAL A 560 18.14 9.74 -5.93
C VAL A 560 18.88 9.56 -4.60
N LEU A 561 19.90 8.69 -4.60
CA LEU A 561 20.68 8.49 -3.37
C LEU A 561 21.30 9.80 -2.88
N ARG A 562 21.78 10.63 -3.82
CA ARG A 562 22.32 11.93 -3.43
C ARG A 562 21.24 12.87 -2.86
N LYS A 563 20.06 12.90 -3.50
CA LYS A 563 18.93 13.65 -3.00
C LYS A 563 18.56 13.19 -1.57
N TYR A 564 18.53 11.86 -1.34
CA TYR A 564 18.15 11.38 0.01
C TYR A 564 19.24 11.66 1.02
N ALA A 565 20.51 11.58 0.59
CA ALA A 565 21.62 11.90 1.51
C ALA A 565 21.58 13.39 1.91
N ASP A 566 21.38 14.27 0.94
CA ASP A 566 21.17 15.71 1.27
C ASP A 566 20.03 15.93 2.26
N LYS A 567 18.95 15.18 2.07
CA LYS A 567 17.76 15.37 2.88
C LYS A 567 18.02 14.97 4.33
N ILE A 568 18.61 13.79 4.51
CA ILE A 568 18.85 13.31 5.86
C ILE A 568 19.94 14.15 6.57
N TYR A 569 20.96 14.59 5.82
CA TYR A 569 21.95 15.51 6.36
C TYR A 569 21.26 16.80 6.85
N SER A 570 20.35 17.33 6.03
N SER A 570 20.33 17.34 6.06
CA SER A 570 19.64 18.56 6.40
CA SER A 570 19.64 18.60 6.42
C SER A 570 18.86 18.41 7.69
C SER A 570 18.67 18.47 7.61
N ILE A 571 18.23 17.25 7.92
CA ILE A 571 17.49 17.00 9.16
C ILE A 571 18.44 17.05 10.36
N SER A 572 19.59 16.40 10.21
CA SER A 572 20.56 16.32 11.31
C SER A 572 21.11 17.70 11.65
N MET A 573 21.32 18.50 10.62
CA MET A 573 21.89 19.87 10.73
C MET A 573 21.01 20.89 11.43
N LYS A 574 19.77 20.52 11.75
CA LYS A 574 18.94 21.27 12.69
C LYS A 574 19.49 21.19 14.14
N HIS A 575 20.48 20.32 14.38
CA HIS A 575 21.07 20.05 15.72
C HIS A 575 22.59 20.23 15.69
N PRO A 576 23.08 21.44 15.31
CA PRO A 576 24.53 21.60 15.09
C PRO A 576 25.35 21.39 16.35
N GLN A 577 24.85 21.81 17.51
CA GLN A 577 25.60 21.64 18.75
C GLN A 577 25.82 20.15 19.04
N GLU A 578 24.78 19.33 18.87
CA GLU A 578 24.94 17.91 19.14
C GLU A 578 25.85 17.25 18.13
N MET A 579 25.81 17.67 16.88
CA MET A 579 26.68 17.07 15.88
C MET A 579 28.14 17.36 16.23
N LYS A 580 28.41 18.55 16.80
CA LYS A 580 29.77 18.87 17.29
C LYS A 580 30.19 18.01 18.49
N THR A 581 29.31 17.96 19.51
CA THR A 581 29.58 17.25 20.74
C THR A 581 29.83 15.79 20.52
N TYR A 582 29.02 15.18 19.65
CA TYR A 582 29.15 13.73 19.45
C TYR A 582 29.85 13.32 18.15
N SER A 583 30.45 14.29 17.43
CA SER A 583 31.28 14.02 16.24
C SER A 583 30.49 13.26 15.19
N VAL A 584 29.31 13.78 14.89
CA VAL A 584 28.37 13.08 13.98
C VAL A 584 28.71 13.56 12.57
N SER A 585 29.29 12.67 11.79
CA SER A 585 29.68 13.01 10.39
C SER A 585 28.89 12.19 9.39
N PHE A 586 28.42 12.86 8.35
CA PHE A 586 27.80 12.17 7.21
C PHE A 586 28.82 11.91 6.09
N ASP A 587 30.11 12.19 6.34
CA ASP A 587 31.14 12.07 5.29
C ASP A 587 31.16 10.69 4.65
N SER A 588 31.03 9.62 5.45
CA SER A 588 31.03 8.27 4.89
C SER A 588 29.85 7.99 3.96
N LEU A 589 28.69 8.52 4.30
CA LEU A 589 27.51 8.37 3.42
C LEU A 589 27.67 9.10 2.08
N PHE A 590 28.13 10.35 2.16
CA PHE A 590 28.38 11.05 0.90
C PHE A 590 29.47 10.39 0.06
N SER A 591 30.52 9.88 0.72
CA SER A 591 31.58 9.11 0.01
C SER A 591 30.99 7.91 -0.70
N ALA A 592 30.16 7.14 0.00
CA ALA A 592 29.54 5.97 -0.62
C ALA A 592 28.67 6.34 -1.82
N VAL A 593 27.93 7.43 -1.69
CA VAL A 593 27.01 7.87 -2.76
C VAL A 593 27.85 8.34 -3.96
N LYS A 594 28.92 9.11 -3.68
CA LYS A 594 29.87 9.48 -4.75
C LYS A 594 30.46 8.24 -5.44
N ASN A 595 30.87 7.24 -4.68
CA ASN A 595 31.37 6.02 -5.25
C ASN A 595 30.32 5.27 -6.07
N PHE A 596 29.07 5.24 -5.59
CA PHE A 596 28.02 4.58 -6.31
C PHE A 596 27.81 5.29 -7.66
N THR A 597 27.84 6.61 -7.62
CA THR A 597 27.64 7.42 -8.84
C THR A 597 28.71 7.07 -9.89
N GLU A 598 29.98 7.01 -9.43
CA GLU A 598 31.13 6.68 -10.31
C GLU A 598 31.06 5.28 -10.86
N ILE A 599 30.77 4.29 -10.01
CA ILE A 599 30.74 2.90 -10.43
C ILE A 599 29.54 2.63 -11.35
N ALA A 600 28.40 3.25 -11.06
CA ALA A 600 27.20 3.11 -11.91
C ALA A 600 27.46 3.68 -13.29
N SER A 601 28.15 4.83 -13.35
CA SER A 601 28.51 5.41 -14.66
C SER A 601 29.37 4.46 -15.49
N LYS A 602 30.37 3.84 -14.88
CA LYS A 602 31.25 2.91 -15.59
C LYS A 602 30.52 1.61 -15.99
N PHE A 603 29.64 1.10 -15.12
CA PHE A 603 28.82 -0.02 -15.47
C PHE A 603 27.92 0.24 -16.68
N SER A 604 27.35 1.43 -16.75
CA SER A 604 26.46 1.80 -17.85
C SER A 604 27.25 1.80 -19.17
N GLU A 605 28.47 2.36 -19.10
CA GLU A 605 29.37 2.34 -20.26
C GLU A 605 29.62 0.92 -20.74
N ARG A 606 29.91 0.00 -19.81
CA ARG A 606 30.15 -1.40 -20.22
C ARG A 606 28.91 -2.06 -20.77
N LEU A 607 27.74 -1.72 -20.19
CA LEU A 607 26.49 -2.31 -20.64
C LEU A 607 26.16 -1.87 -22.06
N GLN A 608 26.57 -0.66 -22.40
CA GLN A 608 26.34 -0.15 -23.74
C GLN A 608 27.30 -0.75 -24.75
N ASP A 609 28.53 -1.05 -24.30
CA ASP A 609 29.72 -1.42 -25.10
C ASP A 609 30.14 -2.90 -25.14
N PHE A 610 29.54 -3.72 -24.26
N PHE A 610 29.37 -3.81 -24.52
CA PHE A 610 29.99 -5.10 -24.11
CA PHE A 610 29.51 -5.26 -24.82
C PHE A 610 29.70 -5.83 -25.39
C PHE A 610 28.53 -5.66 -25.90
N ASP A 611 30.38 -6.95 -25.57
N ASP A 611 28.42 -6.96 -26.19
CA ASP A 611 30.23 -7.71 -26.80
CA ASP A 611 27.17 -7.37 -26.80
C ASP A 611 28.83 -8.28 -26.81
C ASP A 611 26.67 -8.82 -26.74
N LYS A 612 28.01 -7.83 -27.74
N LYS A 612 25.36 -8.87 -26.88
CA LYS A 612 26.56 -8.08 -27.75
CA LYS A 612 24.58 -10.03 -26.58
C LYS A 612 26.27 -9.48 -28.25
C LYS A 612 25.29 -11.21 -27.22
N SER A 613 27.28 -10.12 -28.86
N SER A 613 24.59 -11.83 -28.14
CA SER A 613 27.18 -11.54 -29.20
CA SER A 613 24.91 -13.12 -28.71
C SER A 613 27.42 -12.51 -28.01
C SER A 613 25.78 -14.06 -27.96
N ASN A 614 27.79 -12.01 -26.82
N ASN A 614 26.44 -13.58 -26.90
CA ASN A 614 28.18 -12.91 -25.71
CA ASN A 614 27.22 -14.46 -26.06
C ASN A 614 27.08 -13.02 -24.65
C ASN A 614 26.36 -14.79 -24.82
N PRO A 615 26.36 -14.15 -24.62
N PRO A 615 25.64 -15.94 -24.83
CA PRO A 615 25.23 -14.32 -23.73
CA PRO A 615 24.65 -16.17 -23.76
C PRO A 615 25.65 -14.42 -22.28
C PRO A 615 25.18 -15.99 -22.33
N ILE A 616 26.89 -14.86 -22.01
N ILE A 616 26.39 -16.43 -22.03
CA ILE A 616 27.35 -15.00 -20.62
CA ILE A 616 26.85 -16.35 -20.64
C ILE A 616 27.63 -13.62 -20.02
C ILE A 616 27.27 -14.96 -20.26
N VAL A 617 28.26 -12.75 -20.80
N VAL A 617 27.91 -14.25 -21.17
CA VAL A 617 28.51 -11.37 -20.37
CA VAL A 617 28.19 -12.84 -20.92
C VAL A 617 27.15 -10.67 -20.22
C VAL A 617 26.90 -12.04 -20.67
N LEU A 618 26.25 -10.89 -21.19
N LEU A 618 25.87 -12.25 -21.47
CA LEU A 618 24.89 -10.33 -21.10
CA LEU A 618 24.60 -11.58 -21.28
C LEU A 618 24.21 -10.77 -19.78
C LEU A 618 24.02 -11.96 -19.91
N ARG A 619 24.21 -12.08 -19.49
N ARG A 619 24.15 -13.22 -19.55
CA ARG A 619 23.48 -12.64 -18.33
CA ARG A 619 23.68 -13.64 -18.24
C ARG A 619 24.24 -12.29 -17.08
C ARG A 619 24.27 -12.83 -17.04
N MET A 620 25.56 -12.46 -17.08
CA MET A 620 26.32 -11.73 -15.99
C MET A 620 25.89 -10.27 -15.79
N MET A 621 25.73 -9.49 -16.88
CA MET A 621 25.38 -8.11 -16.66
C MET A 621 23.86 -8.00 -16.28
N ASN A 622 23.03 -8.90 -16.80
CA ASN A 622 21.56 -8.92 -16.38
C ASN A 622 21.48 -9.29 -14.89
N ASP A 623 22.33 -10.23 -14.44
CA ASP A 623 22.34 -10.58 -13.01
C ASP A 623 22.79 -9.40 -12.18
N GLN A 624 23.78 -8.62 -12.66
CA GLN A 624 24.19 -7.42 -11.89
C GLN A 624 23.00 -6.47 -11.79
N LEU A 625 22.26 -6.30 -12.88
CA LEU A 625 21.07 -5.42 -12.87
C LEU A 625 19.97 -5.93 -11.90
N MET A 626 19.73 -7.23 -11.97
CA MET A 626 18.67 -7.88 -11.15
C MET A 626 19.02 -7.83 -9.67
N PHE A 627 20.28 -8.11 -9.35
CA PHE A 627 20.70 -8.12 -7.92
C PHE A 627 21.02 -6.78 -7.31
N LEU A 628 20.90 -5.68 -8.07
CA LEU A 628 21.24 -4.35 -7.56
C LEU A 628 20.19 -3.96 -6.51
N GLU A 629 18.90 -4.11 -6.82
CA GLU A 629 17.89 -3.85 -5.78
C GLU A 629 18.14 -4.77 -4.57
N ARG A 630 18.53 -6.00 -4.85
CA ARG A 630 18.75 -6.99 -3.80
C ARG A 630 19.87 -6.54 -2.83
N ALA A 631 20.85 -5.80 -3.38
CA ALA A 631 21.98 -5.37 -2.57
C ALA A 631 21.62 -4.39 -1.50
N PHE A 632 20.47 -3.73 -1.60
CA PHE A 632 20.12 -2.80 -0.52
C PHE A 632 19.46 -3.47 0.65
N ILE A 633 19.28 -4.79 0.59
CA ILE A 633 18.71 -5.53 1.74
C ILE A 633 19.76 -5.79 2.80
N ASP A 634 19.41 -5.54 4.05
CA ASP A 634 20.26 -5.90 5.21
C ASP A 634 19.59 -7.09 5.88
N PRO A 635 20.27 -8.24 5.97
CA PRO A 635 19.60 -9.41 6.53
C PRO A 635 19.20 -9.20 8.01
N LEU A 636 19.78 -8.22 8.69
CA LEU A 636 19.39 -8.02 10.10
C LEU A 636 18.14 -7.14 10.23
N GLY A 637 17.67 -6.59 9.12
CA GLY A 637 16.46 -5.74 9.17
C GLY A 637 16.70 -4.39 9.80
N LEU A 638 15.67 -3.55 9.86
CA LEU A 638 15.75 -2.29 10.57
C LEU A 638 15.41 -2.48 12.05
N PRO A 639 15.78 -1.51 12.91
CA PRO A 639 15.53 -1.70 14.35
C PRO A 639 14.08 -2.05 14.74
N ASP A 640 13.89 -3.21 15.40
CA ASP A 640 12.58 -3.71 15.83
C ASP A 640 11.58 -3.94 14.70
N ARG A 641 12.08 -3.91 13.46
CA ARG A 641 11.21 -4.19 12.30
C ARG A 641 11.99 -5.14 11.38
N PRO A 642 12.09 -6.42 11.77
CA PRO A 642 12.92 -7.39 11.07
C PRO A 642 12.52 -7.71 9.65
N PHE A 643 11.29 -7.41 9.26
CA PHE A 643 10.82 -7.72 7.89
C PHE A 643 10.87 -6.49 7.00
N TYR A 644 11.35 -5.37 7.53
CA TYR A 644 11.68 -4.23 6.67
C TYR A 644 13.19 -4.25 6.55
N ARG A 645 13.67 -4.77 5.44
CA ARG A 645 15.12 -5.03 5.30
C ARG A 645 15.85 -4.11 4.32
N HIS A 646 15.08 -3.32 3.54
CA HIS A 646 15.71 -2.45 2.55
C HIS A 646 16.24 -1.21 3.31
N VAL A 647 17.49 -0.82 3.05
CA VAL A 647 18.16 0.17 3.86
C VAL A 647 17.81 1.57 3.28
N ILE A 648 17.42 1.60 2.00
CA ILE A 648 17.12 2.93 1.39
C ILE A 648 15.66 3.33 1.65
N TYR A 649 14.75 2.35 1.60
CA TYR A 649 13.29 2.65 1.66
C TYR A 649 12.61 1.77 2.67
N ALA A 650 11.81 2.36 3.56
CA ALA A 650 10.89 1.59 4.40
C ALA A 650 9.62 2.36 4.48
N PRO A 651 8.51 1.71 4.82
CA PRO A 651 7.29 2.44 5.15
C PRO A 651 7.54 3.34 6.34
N SER A 652 7.02 4.56 6.29
CA SER A 652 7.18 5.47 7.41
C SER A 652 6.65 4.87 8.72
N SER A 653 7.43 5.04 9.81
CA SER A 653 7.00 4.54 11.12
C SER A 653 5.76 5.29 11.64
N HIS A 654 5.46 6.44 11.02
CA HIS A 654 4.29 7.24 11.36
C HIS A 654 3.14 7.08 10.41
N ASN A 655 3.36 6.37 9.31
CA ASN A 655 2.32 6.29 8.27
C ASN A 655 2.72 5.22 7.31
N LYS A 656 2.19 4.02 7.53
CA LYS A 656 2.50 2.90 6.65
C LYS A 656 2.38 3.15 5.15
N TYR A 657 1.46 4.05 4.74
CA TYR A 657 1.30 4.26 3.31
C TYR A 657 2.44 5.01 2.68
N ALA A 658 3.14 5.86 3.47
CA ALA A 658 4.17 6.76 2.95
C ALA A 658 5.55 6.08 2.93
N GLY A 659 6.35 6.33 1.90
CA GLY A 659 7.74 5.83 1.92
C GLY A 659 8.63 6.77 2.70
N GLU A 660 9.62 6.24 3.41
CA GLU A 660 10.65 7.10 4.03
C GLU A 660 12.00 6.67 3.46
N SER A 661 12.86 7.63 3.12
CA SER A 661 14.21 7.32 2.60
C SER A 661 15.19 7.30 3.77
N PHE A 662 16.28 6.52 3.66
CA PHE A 662 17.23 6.29 4.78
C PHE A 662 16.47 6.17 6.11
N PRO A 663 15.54 5.18 6.18
CA PRO A 663 14.62 5.10 7.31
C PRO A 663 15.32 4.85 8.62
N GLY A 664 16.43 4.11 8.60
CA GLY A 664 17.16 3.84 9.85
C GLY A 664 17.72 5.11 10.47
N ILE A 665 18.29 5.97 9.61
CA ILE A 665 18.80 7.26 10.13
C ILE A 665 17.62 8.19 10.47
N TYR A 666 16.58 8.19 9.63
CA TYR A 666 15.44 9.08 9.85
C TYR A 666 14.83 8.78 11.24
N ASP A 667 14.57 7.49 11.52
CA ASP A 667 13.96 7.19 12.81
C ASP A 667 14.90 7.45 13.99
N ALA A 668 16.20 7.27 13.78
CA ALA A 668 17.18 7.61 14.85
C ALA A 668 17.16 9.12 15.16
N LEU A 669 16.88 9.93 14.15
CA LEU A 669 16.86 11.40 14.35
C LEU A 669 15.51 11.93 14.80
N PHE A 670 14.45 11.14 14.61
CA PHE A 670 13.10 11.69 14.84
C PHE A 670 12.87 12.04 16.30
N ASP A 671 12.46 13.28 16.54
CA ASP A 671 12.16 13.76 17.91
C ASP A 671 13.37 13.55 18.84
N ILE A 672 14.60 13.66 18.30
CA ILE A 672 15.80 13.35 19.11
C ILE A 672 16.01 14.29 20.30
N GLU A 673 15.57 15.54 20.12
CA GLU A 673 15.67 16.57 21.17
C GLU A 673 14.90 16.20 22.44
N SER A 674 14.00 15.23 22.35
CA SER A 674 13.20 14.80 23.51
C SER A 674 13.77 13.59 24.22
N LYS A 675 14.87 13.01 23.70
CA LYS A 675 15.42 11.78 24.29
C LYS A 675 16.21 12.11 25.55
N VAL A 676 16.05 11.30 26.60
CA VAL A 676 16.68 11.61 27.92
C VAL A 676 18.20 11.39 27.96
N ASP A 677 18.71 10.53 27.07
CA ASP A 677 20.15 10.22 27.03
C ASP A 677 20.68 10.59 25.63
N PRO A 678 21.09 11.86 25.43
CA PRO A 678 21.51 12.27 24.11
C PRO A 678 22.74 11.52 23.56
N SER A 679 23.67 11.12 24.43
CA SER A 679 24.86 10.41 23.98
C SER A 679 24.45 9.08 23.34
N LYS A 680 23.51 8.39 23.96
CA LYS A 680 23.02 7.13 23.43
C LYS A 680 22.24 7.36 22.12
N ALA A 681 21.43 8.41 22.09
CA ALA A 681 20.59 8.68 20.90
C ALA A 681 21.46 9.07 19.71
N TRP A 682 22.44 9.94 19.93
CA TRP A 682 23.33 10.33 18.83
C TRP A 682 24.26 9.21 18.45
N GLY A 683 24.59 8.33 19.40
CA GLY A 683 25.37 7.12 19.05
C GLY A 683 24.60 6.25 18.05
N GLU A 684 23.28 6.16 18.26
CA GLU A 684 22.45 5.38 17.33
C GLU A 684 22.32 6.04 15.99
N VAL A 685 22.27 7.40 15.95
CA VAL A 685 22.33 8.08 14.66
C VAL A 685 23.63 7.69 13.92
N LYS A 686 24.76 7.73 14.63
CA LYS A 686 26.04 7.39 13.98
C LYS A 686 26.07 5.93 13.51
N ARG A 687 25.49 5.04 14.32
CA ARG A 687 25.42 3.63 13.90
C ARG A 687 24.63 3.47 12.60
N GLN A 688 23.53 4.24 12.48
CA GLN A 688 22.67 4.15 11.28
C GLN A 688 23.35 4.78 10.08
N ILE A 689 24.15 5.85 10.32
CA ILE A 689 24.94 6.40 9.22
C ILE A 689 25.92 5.39 8.69
N TYR A 690 26.60 4.66 9.59
CA TYR A 690 27.55 3.60 9.21
C TYR A 690 26.84 2.49 8.42
N VAL A 691 25.69 2.04 8.90
CA VAL A 691 24.99 0.95 8.18
C VAL A 691 24.59 1.42 6.77
N ALA A 692 24.10 2.67 6.69
CA ALA A 692 23.67 3.16 5.37
C ALA A 692 24.84 3.37 4.43
N ALA A 693 25.95 3.99 4.93
CA ALA A 693 27.16 4.16 4.08
C ALA A 693 27.70 2.80 3.62
N PHE A 694 27.78 1.83 4.55
CA PHE A 694 28.22 0.53 4.15
C PHE A 694 27.35 -0.12 3.08
N THR A 695 26.02 0.01 3.24
CA THR A 695 25.11 -0.68 2.32
C THR A 695 25.20 -0.02 0.97
N VAL A 696 25.26 1.31 0.92
CA VAL A 696 25.39 1.94 -0.39
C VAL A 696 26.69 1.55 -1.09
N GLN A 697 27.81 1.53 -0.35
CA GLN A 697 29.10 1.09 -0.95
C GLN A 697 29.03 -0.38 -1.40
N ALA A 698 28.40 -1.23 -0.60
CA ALA A 698 28.29 -2.63 -0.93
C ALA A 698 27.45 -2.85 -2.18
N ALA A 699 26.36 -2.08 -2.30
CA ALA A 699 25.55 -2.13 -3.53
C ALA A 699 26.35 -1.62 -4.73
N ALA A 700 27.06 -0.50 -4.56
CA ALA A 700 27.93 0.00 -5.64
C ALA A 700 28.90 -1.09 -6.13
N GLU A 701 29.50 -1.83 -5.19
CA GLU A 701 30.49 -2.82 -5.55
C GLU A 701 29.95 -4.03 -6.30
N THR A 702 28.63 -4.30 -6.21
CA THR A 702 28.02 -5.30 -7.06
C THR A 702 28.03 -4.93 -8.54
N LEU A 703 28.20 -3.62 -8.82
CA LEU A 703 28.29 -3.13 -10.23
C LEU A 703 29.70 -3.01 -10.75
N SER A 704 30.69 -3.16 -9.85
CA SER A 704 32.11 -3.27 -10.30
C SER A 704 32.36 -4.47 -11.23
N GLU A 705 33.45 -4.43 -12.00
CA GLU A 705 33.86 -5.64 -12.70
C GLU A 705 33.98 -6.81 -11.70
N VAL A 706 33.55 -7.99 -12.13
CA VAL A 706 33.28 -9.09 -11.18
C VAL A 706 34.56 -9.79 -10.76
N ALA A 707 35.62 -9.62 -11.57
CA ALA A 707 36.94 -10.26 -11.30
C ALA A 707 37.99 -9.66 -12.24
C1 NAG B . -18.79 -14.22 -14.42
C2 NAG B . -20.23 -14.70 -14.19
C3 NAG B . -20.28 -16.23 -14.09
C4 NAG B . -19.49 -16.96 -15.19
C5 NAG B . -18.13 -16.30 -15.45
C6 NAG B . -17.41 -16.83 -16.69
C7 NAG B . -21.67 -13.11 -13.02
C8 NAG B . -22.12 -12.62 -11.67
N2 NAG B . -20.77 -14.10 -12.98
O3 NAG B . -21.65 -16.62 -14.19
O4 NAG B . -19.34 -18.33 -14.78
O5 NAG B . -18.29 -14.88 -15.59
O6 NAG B . -18.13 -16.46 -17.88
O7 NAG B . -22.10 -12.62 -14.05
C1 NAG B . -19.84 -19.25 -15.79
C2 NAG B . -19.17 -20.61 -15.55
C3 NAG B . -19.81 -21.76 -16.35
C4 NAG B . -21.35 -21.73 -16.36
C5 NAG B . -21.85 -20.31 -16.68
C6 NAG B . -23.37 -20.20 -16.60
C7 NAG B . -16.77 -20.41 -14.97
C8 NAG B . -15.38 -20.40 -15.56
N2 NAG B . -17.76 -20.54 -15.87
O3 NAG B . -19.33 -22.99 -15.78
O4 NAG B . -21.87 -22.69 -17.30
O5 NAG B . -21.27 -19.36 -15.76
O6 NAG B . -23.77 -20.17 -15.22
O7 NAG B . -16.96 -20.29 -13.78
C1 NAG C . -29.72 1.41 21.73
C2 NAG C . -31.16 1.78 22.13
C3 NAG C . -31.49 1.17 23.49
C4 NAG C . -31.15 -0.33 23.59
C5 NAG C . -29.73 -0.63 23.03
C6 NAG C . -29.45 -2.12 22.90
C7 NAG C . -31.93 3.95 21.27
C8 NAG C . -31.96 5.43 21.50
N2 NAG C . -31.28 3.22 22.19
O3 NAG C . -32.88 1.34 23.80
O4 NAG C . -31.25 -0.69 24.97
O5 NAG C . -29.53 -0.01 21.75
O6 NAG C . -30.38 -2.78 22.04
O7 NAG C . -32.49 3.45 20.30
C1 NAG C . -32.05 -1.89 25.15
C2 NAG C . -31.62 -2.56 26.47
C3 NAG C . -32.51 -3.78 26.77
C4 NAG C . -34.00 -3.46 26.64
C5 NAG C . -34.29 -2.85 25.25
C6 NAG C . -35.76 -2.53 25.01
C7 NAG C . -29.20 -2.20 26.86
C8 NAG C . -27.83 -2.81 26.72
N2 NAG C . -30.22 -2.96 26.43
O3 NAG C . -32.23 -4.23 28.10
O4 NAG C . -34.78 -4.65 26.90
O5 NAG C . -33.48 -1.67 25.07
O6 NAG C . -36.11 -1.29 25.64
O7 NAG C . -29.34 -1.08 27.34
C1 NAG D . 14.98 4.79 -22.94
C2 NAG D . 15.94 3.63 -22.69
C3 NAG D . 17.37 4.10 -22.87
C4 NAG D . 17.55 4.82 -24.22
C5 NAG D . 16.48 5.93 -24.38
C6 NAG D . 16.52 6.63 -25.74
C7 NAG D . 15.56 1.85 -21.00
C8 NAG D . 15.50 0.84 -22.11
N2 NAG D . 15.78 3.13 -21.34
O3 NAG D . 18.23 2.96 -22.77
O4 NAG D . 18.87 5.40 -24.23
O5 NAG D . 15.22 5.29 -24.28
O6 NAG D . 16.38 5.65 -26.77
O7 NAG D . 15.44 1.51 -19.82
C1 NAG D . 19.60 5.01 -25.41
C2 NAG D . 20.83 5.91 -25.43
C3 NAG D . 21.71 5.57 -26.62
C4 NAG D . 22.03 4.07 -26.67
C5 NAG D . 20.73 3.25 -26.59
C6 NAG D . 20.94 1.73 -26.59
C7 NAG D . 20.42 8.17 -24.43
C8 NAG D . 20.86 7.73 -23.07
N2 NAG D . 20.42 7.31 -25.46
O3 NAG D . 22.93 6.31 -26.53
O4 NAG D . 22.75 3.75 -27.87
O5 NAG D . 20.01 3.63 -25.41
O6 NAG D . 21.81 1.40 -25.50
O7 NAG D . 20.05 9.32 -24.61
C1 BMA D . 24.11 3.36 -27.59
C2 BMA D . 24.51 2.30 -28.63
C3 BMA D . 25.99 1.93 -28.51
C4 BMA D . 26.90 3.18 -28.49
C5 BMA D . 26.43 4.14 -27.40
C6 BMA D . 27.28 5.41 -27.27
O2 BMA D . 24.22 2.81 -29.94
O3 BMA D . 26.35 1.05 -29.57
O4 BMA D . 28.25 2.77 -28.26
O5 BMA D . 25.02 4.47 -27.57
O6 BMA D . 26.79 6.44 -28.13
C1 NAG E . 34.86 5.27 -1.85
C2 NAG E . 34.95 4.56 -0.50
C3 NAG E . 36.34 4.86 0.06
C4 NAG E . 37.45 4.42 -0.94
C5 NAG E . 37.20 4.99 -2.34
C6 NAG E . 38.14 4.36 -3.37
C7 NAG E . 33.25 4.14 1.22
C8 NAG E . 32.20 4.77 2.08
N2 NAG E . 33.90 4.99 0.41
O3 NAG E . 36.51 4.17 1.29
O4 NAG E . 38.77 4.88 -0.57
O5 NAG E . 35.86 4.68 -2.70
O6 NAG E . 38.21 5.14 -4.58
O7 NAG E . 33.51 2.92 1.24
C1 NAG E . 39.34 4.12 0.50
C2 NAG E . 40.81 3.83 0.21
C3 NAG E . 41.49 3.26 1.45
C4 NAG E . 41.28 4.18 2.66
C5 NAG E . 39.81 4.53 2.89
C6 NAG E . 39.67 5.72 3.83
C7 NAG E . 41.40 3.25 -2.13
C8 NAG E . 41.79 4.67 -2.43
N2 NAG E . 40.96 2.91 -0.90
O3 NAG E . 42.90 3.10 1.13
O4 NAG E . 41.71 3.56 3.87
O5 NAG E . 39.18 4.92 1.66
O6 NAG E . 38.47 5.60 4.61
O7 NAG E . 41.49 2.39 -2.99
C1 BMA E . 43.05 3.91 4.18
C2 BMA E . 43.19 4.04 5.69
C3 BMA E . 44.66 4.24 6.06
C4 BMA E . 45.55 3.18 5.41
C5 BMA E . 45.32 3.15 3.90
C6 BMA E . 46.12 2.05 3.23
O2 BMA E . 42.68 2.85 6.32
O3 BMA E . 44.71 4.16 7.48
O4 BMA E . 46.92 3.48 5.67
O5 BMA E . 43.92 2.91 3.66
O6 BMA E . 45.65 1.98 1.88
C1 MAN E . 45.46 5.25 8.07
C2 MAN E . 45.76 4.83 9.51
C3 MAN E . 44.50 4.90 10.39
C4 MAN E . 43.76 6.23 10.26
C5 MAN E . 43.53 6.58 8.78
C6 MAN E . 42.84 7.93 8.55
O2 MAN E . 46.79 5.67 10.01
O3 MAN E . 44.80 4.67 11.76
O4 MAN E . 42.50 6.14 10.95
O5 MAN E . 44.76 6.52 8.05
O6 MAN E . 43.71 8.98 8.98
C1 MAN E . 46.59 1.26 1.06
C2 MAN E . 46.24 1.53 -0.40
C3 MAN E . 44.97 0.77 -0.82
C4 MAN E . 44.99 -0.71 -0.40
C5 MAN E . 45.42 -0.88 1.08
C6 MAN E . 45.61 -2.34 1.49
O2 MAN E . 47.35 1.11 -1.21
O3 MAN E . 44.79 0.86 -2.24
O4 MAN E . 43.68 -1.27 -0.62
O5 MAN E . 46.64 -0.15 1.33
O6 MAN E . 45.70 -2.45 2.93
C1 NAG F . -21.71 -14.41 18.89
C2 NAG F . -20.89 -15.50 19.54
C3 NAG F . -21.76 -16.59 20.18
C4 NAG F . -22.99 -16.04 20.93
C5 NAG F . -23.72 -14.99 20.05
C6 NAG F . -25.03 -14.43 20.63
C7 NAG F . -18.71 -16.13 18.57
C8 NAG F . -18.01 -15.70 19.83
N2 NAG F . -20.04 -16.02 18.49
O3 NAG F . -20.92 -17.30 21.09
O4 NAG F . -23.88 -17.11 21.30
O5 NAG F . -22.78 -13.94 19.73
O6 NAG F . -24.82 -13.59 21.77
O7 NAG F . -18.09 -16.57 17.64
C1 NAG G . -2.38 10.69 32.85
C2 NAG G . -1.02 10.91 33.51
C3 NAG G . -0.48 9.55 33.96
C4 NAG G . -1.41 8.92 35.01
C5 NAG G . -2.90 8.95 34.61
C6 NAG G . -3.72 8.97 35.90
C7 NAG G . 0.30 12.88 32.71
C8 NAG G . -0.27 13.78 33.78
N2 NAG G . -0.08 11.59 32.63
O3 NAG G . 0.83 9.71 34.52
O4 NAG G . -1.00 7.57 35.25
O5 NAG G . -3.30 10.08 33.80
O6 NAG G . -5.04 8.45 35.70
O7 NAG G . 1.11 13.31 31.91
C1 NAG H . -13.97 13.16 -13.97
C2 NAG H . -14.19 13.58 -12.50
C3 NAG H . -15.01 14.88 -12.33
C4 NAG H . -14.46 16.00 -13.23
C5 NAG H . -14.30 15.50 -14.67
C6 NAG H . -13.72 16.55 -15.61
C7 NAG H . -14.09 11.97 -10.69
C8 NAG H . -14.74 10.82 -9.99
N2 NAG H . -14.73 12.46 -11.75
O3 NAG H . -14.92 15.37 -11.00
O4 NAG H . -15.31 17.16 -13.15
O5 NAG H . -13.47 14.31 -14.67
O6 NAG H . -12.51 17.13 -15.08
O7 NAG H . -13.05 12.44 -10.28
ZN ZN I . -8.61 -1.83 0.15
ZN ZN J . -6.95 -2.84 -2.52
CA CA K . 3.63 -16.44 7.81
CL CL L . -1.58 -0.47 -7.29
OE1 C68 M . -1.07 -2.83 4.81
CD C68 M . -2.28 -3.01 4.90
OE2 C68 M . -2.83 -3.80 5.70
CG C68 M . -3.16 -2.09 4.04
CB C68 M . -4.41 -2.79 3.50
CA C68 M . -5.34 -1.76 2.80
C C68 M . -5.75 -0.67 3.81
OXT C68 M . -5.19 0.47 3.76
O C68 M . -6.68 -0.98 4.57
N C68 M . -4.67 -1.11 1.66
CAR C68 M . -5.28 -0.20 0.91
OAF C68 M . -6.46 0.08 1.12
OAN C68 M . -4.56 0.34 -0.10
CAU C68 M . -4.94 1.54 -0.77
CAQ C68 M . -4.18 1.52 -2.09
OAI C68 M . -2.93 1.36 -2.02
OAE C68 M . -4.86 1.64 -3.14
CAL C68 M . -4.53 2.73 0.12
CAS C68 M . -4.69 4.09 -0.61
CAB C68 M . -4.28 5.20 0.36
CAA C68 M . -6.15 4.31 -1.04
#